data_7OIX
#
_entry.id   7OIX
#
_cell.length_a   1.00
_cell.length_b   1.00
_cell.length_c   1.00
_cell.angle_alpha   90.00
_cell.angle_beta   90.00
_cell.angle_gamma   90.00
#
_symmetry.space_group_name_H-M   'P 1'
#
loop_
_entity.id
_entity.type
_entity.pdbx_description
1 polymer Syncytin-2
2 polymer 'Isoform 2 of Sodium-dependent lysophosphatidylcholine symporter 1'
3 branched alpha-D-mannopyranose-(1-3)-[alpha-D-mannopyranose-(1-6)]beta-D-mannopyranose-(1-6)-2-acetamido-2-deoxy-beta-D-glucopyranose-(1-4)-2-acetamido-2-deoxy-beta-D-glucopyranose
4 branched alpha-D-mannopyranose-(1-2)-alpha-D-mannopyranose-(1-3)-[alpha-D-mannopyranose-(1-6)-alpha-D-mannopyranose-(1-6)]beta-D-mannopyranose-(1-4)-2-acetamido-2-deoxy-beta-D-glucopyranose-(1-4)-2-acetamido-2-deoxy-beta-D-glucopyranose
5 non-polymer 2-acetamido-2-deoxy-beta-D-glucopyranose
#
loop_
_entity_poly.entity_id
_entity_poly.type
_entity_poly.pdbx_seq_one_letter_code
_entity_poly.pdbx_strand_id
1 'polypeptide(L)'
;MGLLLLVLILTPSLAAYRHPDFPLLEKAQQLLQSTGSPYSTNCWLCTSSSTETPGTAYPASPREWTSIEAELHISYRWDP
NLKGLMRPANSLLSTVKQDFPDIRQKPPIFGPIFTNINLMGIAPICVTAKRKNGTNVGTLPSTVCNVTFTVDPNQQTYQT
YTHNQFRHQPRFPKPPNITFPQGTLLDKSTRFCQGRPSSCSTRNFWFRPADYNQCLQISNLSSTAEWVLLDQTRNSLFWE
NKTKGANQSQTPCVQVLAGMTIATSYLGISAVSEFFGTSLTPLFHFHISTCLKTQGAFYICGQSIHQCLPSNWTGTCTIG
YVTPDIFIAPGNLSLPIPIYGNSPLPRVRRAIHFIPLLAGLGILAGTGTGIAGITKASLTYSQLSKEIANNIDTMAKALT
TMQEQIDSLAAVVLQNRRGLDMLTAAQGGICLALDEKCCFWVNQSGKVQDNIRQLLNQASSLRERATQGWLNWEGTWKWF
SWVLPFIGPLVSLLLLLLFGPCLLNLITQFVSSRLQAIKLQTNLSAGRHPRNIQESPF
;
A
2 'polypeptide(L)'
;MAKGEGAESGSAAGLLPTSILQSTERPAQVKKEPKKKKQQLSICNKLCYAVGGAPYQVTGCALGFFLQIYLLDVAQVGPF
SASIILFVGRAWDAITDPLVGFCISKSSWTRLGRLMPWIIFSTPLAVIAYFLIWFVPDFPHGQTYWYLLFYCLFETLVTC
FHVPYSALTMFISTEQSERDSATAYRMTVEVLGTVLGTAIQGQIVGQADTPCFQDLNSSTVASQSANHTHGTTSHRETQN
AYLLAAGVIASIYVICAVILTLGVREQREPYEAQQSEPMSFFRGLRLVMSHGPYIKLIAGFLFTSLAFMLVEGNFALFCT
YTLGFRNEFQNLLLAIMLSATLTIPIWQWFLTRFGKKTAVYVGISSAVPFLILVALMESNLIVTYVVAVAAGISVAAAFL
LPWSMLPDVIDDFHLKQPHSHGTEPIFFSFYVFFTKFASGVSLGISTLSLDFAGYQTRGCSQPERVKFTLKMLVTMAPIV
LILLGLLLFKLYPIDEERRRQNKKALQALRDEASSSGCSETDSTELASIL
;
B
#
loop_
_chem_comp.id
_chem_comp.type
_chem_comp.name
_chem_comp.formula
BMA D-saccharide, beta linking beta-D-mannopyranose 'C6 H12 O6'
MAN D-saccharide, alpha linking alpha-D-mannopyranose 'C6 H12 O6'
NAG D-saccharide, beta linking 2-acetamido-2-deoxy-beta-D-glucopyranose 'C8 H15 N O6'
#
# COMPACT_ATOMS: atom_id res chain seq x y z
N TYR A 58 -2.17 4.93 56.38
CA TYR A 58 -3.52 5.38 56.68
C TYR A 58 -4.13 6.03 55.45
N PRO A 59 -5.44 5.98 55.32
CA PRO A 59 -6.07 6.43 54.08
C PRO A 59 -6.28 7.93 54.03
N ALA A 60 -6.22 8.46 52.81
CA ALA A 60 -6.35 9.89 52.60
C ALA A 60 -7.75 10.37 52.90
N SER A 61 -7.84 11.65 53.27
CA SER A 61 -9.11 12.28 53.60
C SER A 61 -9.90 12.57 52.32
N PRO A 62 -11.23 12.68 52.43
CA PRO A 62 -12.03 13.04 51.25
C PRO A 62 -11.59 14.33 50.61
N ARG A 63 -11.09 15.29 51.39
CA ARG A 63 -10.49 16.47 50.79
C ARG A 63 -9.21 16.11 50.06
N GLU A 64 -8.44 15.17 50.62
CA GLU A 64 -7.18 14.80 50.00
C GLU A 64 -7.42 14.13 48.66
N TRP A 65 -8.56 13.46 48.52
CA TRP A 65 -8.94 12.91 47.24
C TRP A 65 -9.04 13.99 46.18
N THR A 66 -9.55 15.16 46.55
CA THR A 66 -9.57 16.27 45.62
C THR A 66 -8.17 16.78 45.34
N SER A 67 -7.39 16.99 46.40
CA SER A 67 -6.14 17.71 46.22
C SER A 67 -5.11 16.91 45.43
N ILE A 68 -5.06 15.59 45.63
CA ILE A 68 -4.02 14.78 44.99
C ILE A 68 -4.21 14.75 43.48
N GLU A 69 -3.11 14.72 42.74
CA GLU A 69 -3.11 14.76 41.29
C GLU A 69 -2.66 13.43 40.72
N ALA A 70 -3.27 13.02 39.61
CA ALA A 70 -2.93 11.79 38.92
C ALA A 70 -2.59 12.08 37.46
N GLU A 71 -1.61 11.37 36.92
CA GLU A 71 -1.27 11.43 35.51
C GLU A 71 -1.53 10.09 34.84
N LEU A 72 -1.94 10.13 33.58
CA LEU A 72 -2.33 8.92 32.87
C LEU A 72 -1.36 8.63 31.73
N HIS A 73 -0.98 7.36 31.61
CA HIS A 73 -0.04 6.89 30.62
C HIS A 73 -0.75 6.02 29.59
N ILE A 74 -0.57 6.34 28.31
CA ILE A 74 -1.23 5.67 27.21
C ILE A 74 -0.21 4.83 26.44
N SER A 75 -0.52 3.57 26.21
CA SER A 75 0.31 2.69 25.40
C SER A 75 -0.50 2.17 24.22
N TYR A 76 0.08 2.19 23.03
CA TYR A 76 -0.64 1.82 21.81
C TYR A 76 -0.16 0.47 21.30
N ARG A 77 -1.08 -0.31 20.75
CA ARG A 77 -0.73 -1.59 20.14
C ARG A 77 -1.51 -1.77 18.85
N TRP A 78 -0.81 -2.14 17.78
CA TRP A 78 -1.43 -2.38 16.49
C TRP A 78 -2.16 -3.71 16.48
N ASP A 79 -2.96 -3.92 15.45
CA ASP A 79 -3.61 -5.20 15.23
C ASP A 79 -2.79 -6.00 14.23
N PRO A 80 -2.35 -7.21 14.57
CA PRO A 80 -1.53 -7.97 13.60
C PRO A 80 -2.26 -8.30 12.31
N ASN A 81 -3.55 -8.62 12.39
CA ASN A 81 -4.26 -9.05 11.19
C ASN A 81 -4.53 -7.90 10.24
N LEU A 82 -4.47 -6.67 10.72
CA LEU A 82 -4.71 -5.51 9.87
C LEU A 82 -3.66 -5.41 8.77
N LYS A 83 -4.11 -5.36 7.52
CA LYS A 83 -3.21 -5.18 6.38
C LYS A 83 -3.71 -4.13 5.40
N GLY A 84 -4.73 -3.35 5.75
CA GLY A 84 -5.25 -2.33 4.88
C GLY A 84 -5.39 -1.00 5.59
N LEU A 85 -5.79 0.01 4.82
CA LEU A 85 -6.08 1.35 5.34
C LEU A 85 -4.86 1.93 6.05
N MET A 86 -3.68 1.69 5.46
CA MET A 86 -2.42 2.08 6.09
C MET A 86 -2.36 3.58 6.35
N ARG A 87 -2.47 4.37 5.30
CA ARG A 87 -2.38 5.83 5.47
C ARG A 87 -3.47 6.41 6.36
N PRO A 88 -4.76 6.11 6.19
CA PRO A 88 -5.74 6.72 7.08
C PRO A 88 -5.63 6.24 8.51
N ALA A 89 -5.35 4.95 8.72
CA ALA A 89 -5.17 4.47 10.08
C ALA A 89 -3.96 5.12 10.73
N ASN A 90 -2.90 5.38 9.96
CA ASN A 90 -1.74 6.07 10.50
C ASN A 90 -2.09 7.49 10.90
N SER A 91 -2.83 8.20 10.05
CA SER A 91 -3.21 9.57 10.40
C SER A 91 -4.11 9.58 11.62
N LEU A 92 -5.00 8.59 11.75
CA LEU A 92 -5.86 8.52 12.91
C LEU A 92 -5.07 8.25 14.18
N LEU A 93 -4.10 7.33 14.10
CA LEU A 93 -3.26 7.08 15.25
C LEU A 93 -2.51 8.33 15.66
N SER A 94 -2.02 9.09 14.69
CA SER A 94 -1.30 10.32 15.00
C SER A 94 -2.21 11.33 15.67
N THR A 95 -3.42 11.53 15.12
CA THR A 95 -4.31 12.53 15.70
C THR A 95 -4.79 12.12 17.08
N VAL A 96 -4.93 10.83 17.34
CA VAL A 96 -5.26 10.39 18.70
C VAL A 96 -4.07 10.61 19.62
N LYS A 97 -2.86 10.32 19.13
CA LYS A 97 -1.67 10.45 19.96
C LYS A 97 -1.46 11.88 20.40
N GLN A 98 -1.63 12.83 19.49
CA GLN A 98 -1.50 14.23 19.85
C GLN A 98 -2.77 14.82 20.41
N ASP A 99 -3.84 14.02 20.51
CA ASP A 99 -5.03 14.50 21.19
C ASP A 99 -4.82 14.63 22.69
N PHE A 100 -3.98 13.78 23.28
CA PHE A 100 -3.73 13.85 24.71
C PHE A 100 -2.45 14.63 24.95
N PRO A 101 -2.54 15.91 25.32
CA PRO A 101 -1.31 16.70 25.44
C PRO A 101 -0.49 16.36 26.67
N ASP A 102 -1.12 16.14 27.81
CA ASP A 102 -0.43 16.02 29.08
C ASP A 102 -0.54 14.57 29.54
N ILE A 103 0.57 13.85 29.50
CA ILE A 103 0.60 12.44 29.88
C ILE A 103 1.93 12.18 30.58
N ARG A 104 2.03 10.97 31.14
CA ARG A 104 3.25 10.53 31.79
C ARG A 104 4.26 10.14 30.72
N GLN A 105 5.36 10.88 30.65
CA GLN A 105 6.39 10.60 29.64
C GLN A 105 7.13 9.31 29.96
N LYS A 106 7.70 9.23 31.14
CA LYS A 106 8.46 8.05 31.52
C LYS A 106 7.53 6.84 31.63
N PRO A 107 8.00 5.66 31.25
CA PRO A 107 7.17 4.47 31.32
C PRO A 107 6.76 4.19 32.75
N PRO A 108 5.49 3.91 33.00
CA PRO A 108 5.03 3.69 34.37
C PRO A 108 5.58 2.39 34.94
N ILE A 109 5.51 2.31 36.26
CA ILE A 109 5.90 1.11 37.00
C ILE A 109 4.66 0.55 37.67
N PHE A 110 4.45 -0.75 37.54
CA PHE A 110 3.28 -1.40 38.09
C PHE A 110 3.68 -2.21 39.31
N GLY A 111 2.74 -3.00 39.81
CA GLY A 111 3.05 -4.00 40.81
C GLY A 111 3.10 -3.45 42.22
N PRO A 112 2.89 -4.33 43.19
CA PRO A 112 2.95 -3.91 44.60
C PRO A 112 4.33 -3.38 44.91
N ILE A 113 4.37 -2.19 45.51
CA ILE A 113 5.60 -1.46 45.73
C ILE A 113 6.08 -1.56 47.16
N PHE A 114 5.23 -1.23 48.12
CA PHE A 114 5.73 -1.13 49.48
C PHE A 114 5.41 -2.35 50.33
N THR A 115 4.17 -2.87 50.26
CA THR A 115 3.75 -4.11 50.92
C THR A 115 4.25 -4.21 52.37
N ASN A 116 3.90 -3.21 53.15
CA ASN A 116 4.06 -3.23 54.60
C ASN A 116 2.78 -3.77 55.26
N ILE A 117 2.91 -4.28 56.48
CA ILE A 117 1.73 -4.75 57.21
C ILE A 117 0.96 -3.49 57.57
N ASN A 118 -0.09 -3.22 56.81
CA ASN A 118 -0.67 -1.88 56.82
C ASN A 118 -1.30 -1.52 58.15
N LEU A 119 -1.12 -0.25 58.52
CA LEU A 119 -1.86 0.40 59.59
C LEU A 119 -2.79 1.42 58.95
N MET A 120 -4.06 1.36 59.31
CA MET A 120 -5.05 2.17 58.62
C MET A 120 -6.30 2.30 59.47
N GLY A 121 -7.06 3.36 59.18
CA GLY A 121 -8.39 3.53 59.68
C GLY A 121 -9.41 3.08 58.64
N ILE A 122 -10.70 3.24 58.98
CA ILE A 122 -11.73 2.94 58.01
C ILE A 122 -11.61 3.92 56.86
N ALA A 123 -11.74 3.44 55.71
CA ALA A 123 -11.42 4.36 54.64
C ALA A 123 -12.65 5.16 54.23
N PRO A 124 -12.47 6.42 53.85
CA PRO A 124 -13.64 7.22 53.46
C PRO A 124 -14.22 6.81 52.12
N ILE A 125 -13.40 6.57 51.11
CA ILE A 125 -13.88 6.18 49.79
C ILE A 125 -13.05 5.00 49.30
N CYS A 126 -13.73 3.96 48.83
CA CYS A 126 -13.06 2.84 48.20
C CYS A 126 -13.69 2.62 46.85
N VAL A 127 -12.89 2.23 45.85
CA VAL A 127 -13.39 2.01 44.51
C VAL A 127 -13.24 0.54 44.19
N THR A 128 -14.33 -0.09 43.74
CA THR A 128 -14.32 -1.52 43.46
C THR A 128 -14.70 -1.76 42.00
N ALA A 129 -13.86 -2.51 41.30
CA ALA A 129 -14.15 -2.91 39.93
C ALA A 129 -13.91 -4.40 39.79
N LYS A 130 -14.84 -5.09 39.13
CA LYS A 130 -14.67 -6.51 38.86
C LYS A 130 -14.87 -6.76 37.38
N ARG A 131 -13.97 -7.57 36.82
CA ARG A 131 -14.00 -7.89 35.39
C ARG A 131 -13.75 -9.39 35.22
N LYS A 132 -14.09 -9.87 34.04
CA LYS A 132 -13.88 -11.28 33.71
C LYS A 132 -12.40 -11.64 33.76
N ASN A 133 -11.60 -10.95 32.96
CA ASN A 133 -10.18 -11.26 32.80
C ASN A 133 -9.41 -9.97 32.98
N GLY A 134 -9.12 -9.62 34.22
CA GLY A 134 -8.39 -8.40 34.52
C GLY A 134 -7.40 -8.64 35.62
N THR A 135 -6.34 -7.83 35.61
CA THR A 135 -5.35 -7.89 36.67
C THR A 135 -6.01 -7.66 38.03
N ASN A 136 -5.57 -8.40 39.02
CA ASN A 136 -6.17 -8.33 40.34
C ASN A 136 -5.30 -7.52 41.27
N VAL A 137 -5.93 -6.66 42.07
CA VAL A 137 -5.26 -5.91 43.11
C VAL A 137 -6.03 -6.17 44.40
N GLY A 138 -5.36 -5.94 45.52
CA GLY A 138 -5.89 -6.29 46.83
C GLY A 138 -7.29 -5.79 47.09
N THR A 139 -8.05 -6.52 47.91
CA THR A 139 -9.43 -6.17 48.18
C THR A 139 -9.61 -5.85 49.66
N LEU A 140 -10.35 -4.79 49.94
CA LEU A 140 -10.77 -4.42 51.27
C LEU A 140 -12.25 -4.71 51.43
N PRO A 141 -12.68 -5.32 52.53
CA PRO A 141 -14.09 -5.62 52.71
C PRO A 141 -14.91 -4.35 52.81
N SER A 142 -16.24 -4.53 52.78
CA SER A 142 -17.14 -3.39 52.81
C SER A 142 -17.04 -2.61 54.11
N THR A 143 -16.60 -3.27 55.19
CA THR A 143 -16.53 -2.60 56.48
C THR A 143 -15.51 -1.48 56.45
N VAL A 144 -14.39 -1.70 55.77
CA VAL A 144 -13.30 -0.75 55.81
C VAL A 144 -13.69 0.58 55.18
N CYS A 145 -14.37 0.57 54.03
CA CYS A 145 -14.59 1.81 53.31
C CYS A 145 -15.95 2.42 53.62
N ASN A 146 -15.94 3.72 53.89
CA ASN A 146 -17.12 4.46 54.33
C ASN A 146 -18.16 4.51 53.23
N VAL A 147 -17.74 4.83 52.00
CA VAL A 147 -18.62 4.84 50.84
C VAL A 147 -17.85 4.24 49.67
N THR A 148 -18.60 3.72 48.70
CA THR A 148 -18.04 2.92 47.63
C THR A 148 -18.55 3.37 46.27
N PHE A 149 -17.67 3.43 45.29
CA PHE A 149 -18.06 3.65 43.90
C PHE A 149 -17.63 2.45 43.09
N THR A 150 -18.57 1.86 42.37
CA THR A 150 -18.30 0.67 41.58
C THR A 150 -18.20 1.04 40.11
N VAL A 151 -17.11 0.66 39.47
CA VAL A 151 -16.97 0.87 38.04
C VAL A 151 -17.75 -0.21 37.31
N ASP A 152 -18.64 0.19 36.41
CA ASP A 152 -19.37 -0.81 35.62
C ASP A 152 -19.14 -0.57 34.14
N PRO A 153 -18.36 -1.41 33.48
CA PRO A 153 -18.01 -1.13 32.09
C PRO A 153 -19.14 -1.39 31.11
N ASN A 154 -20.13 -2.20 31.46
CA ASN A 154 -21.14 -2.60 30.49
C ASN A 154 -21.93 -1.41 29.97
N GLN A 155 -22.06 -0.35 30.76
CA GLN A 155 -22.81 0.82 30.31
C GLN A 155 -22.15 1.47 29.09
N GLN A 156 -20.84 1.29 28.92
CA GLN A 156 -20.17 1.95 27.80
C GLN A 156 -20.56 1.31 26.49
N THR A 157 -20.72 2.13 25.46
CA THR A 157 -21.06 1.66 24.13
C THR A 157 -20.19 2.35 23.10
N TYR A 158 -20.08 1.75 21.92
CA TYR A 158 -19.22 2.27 20.88
C TYR A 158 -19.85 3.51 20.24
N GLN A 159 -19.12 4.60 20.26
CA GLN A 159 -19.50 5.85 19.61
C GLN A 159 -18.56 6.11 18.44
N THR A 160 -19.07 6.81 17.43
CA THR A 160 -18.33 7.03 16.20
C THR A 160 -17.36 8.20 16.35
N TYR A 161 -16.08 7.92 16.15
CA TYR A 161 -15.02 8.93 16.25
C TYR A 161 -14.80 9.51 14.87
N THR A 162 -15.33 10.70 14.64
CA THR A 162 -15.31 11.30 13.30
C THR A 162 -13.89 11.64 12.87
N HIS A 163 -13.47 11.08 11.75
CA HIS A 163 -12.17 11.37 11.17
C HIS A 163 -12.34 11.91 9.76
N ASN A 164 -11.33 12.67 9.33
CA ASN A 164 -11.44 13.43 8.08
C ASN A 164 -11.47 12.52 6.87
N GLN A 165 -10.62 11.50 6.83
CA GLN A 165 -10.46 10.69 5.63
C GLN A 165 -10.80 9.24 5.96
N PHE A 166 -12.09 8.93 5.93
CA PHE A 166 -12.55 7.56 6.15
C PHE A 166 -13.91 7.45 5.49
N ARG A 167 -14.07 6.47 4.60
CA ARG A 167 -15.39 6.27 4.01
C ARG A 167 -16.33 5.61 5.01
N HIS A 168 -15.80 4.83 5.94
CA HIS A 168 -16.58 4.27 7.04
C HIS A 168 -15.95 4.75 8.33
N GLN A 169 -16.66 5.59 9.07
CA GLN A 169 -16.08 6.24 10.23
C GLN A 169 -15.71 5.21 11.30
N PRO A 170 -14.58 5.38 11.97
CA PRO A 170 -14.20 4.43 13.02
C PRO A 170 -15.02 4.63 14.28
N ARG A 171 -15.15 3.56 15.05
CA ARG A 171 -15.88 3.59 16.31
C ARG A 171 -14.95 3.20 17.44
N PHE A 172 -15.15 3.83 18.59
CA PHE A 172 -14.38 3.60 19.80
C PHE A 172 -15.34 3.40 20.96
N PRO A 173 -14.90 2.76 22.03
CA PRO A 173 -15.78 2.65 23.20
C PRO A 173 -15.57 3.81 24.16
N LYS A 174 -16.69 4.29 24.69
CA LYS A 174 -16.66 5.33 25.71
C LYS A 174 -16.05 4.77 26.99
N PRO A 175 -15.54 5.63 27.87
CA PRO A 175 -15.00 5.16 29.13
C PRO A 175 -16.10 4.63 30.03
N PRO A 176 -15.79 3.75 30.97
CA PRO A 176 -16.79 3.22 31.89
C PRO A 176 -17.39 4.31 32.78
N ASN A 177 -18.40 3.91 33.54
CA ASN A 177 -19.12 4.80 34.41
C ASN A 177 -19.04 4.31 35.85
N ILE A 178 -19.10 5.25 36.79
CA ILE A 178 -19.23 4.91 38.20
C ILE A 178 -20.71 4.69 38.53
N THR A 179 -20.96 3.83 39.50
CA THR A 179 -22.26 3.67 40.11
C THR A 179 -22.10 3.66 41.62
N PHE A 180 -23.18 3.99 42.32
CA PHE A 180 -23.17 4.12 43.76
C PHE A 180 -24.41 3.46 44.33
N PRO A 181 -24.35 2.95 45.55
CA PRO A 181 -25.53 2.34 46.16
C PRO A 181 -26.65 3.36 46.31
N GLN A 182 -27.86 2.85 46.50
CA GLN A 182 -29.01 3.73 46.52
C GLN A 182 -29.07 4.58 47.78
N GLY A 183 -29.35 5.86 47.61
CA GLY A 183 -29.60 6.77 48.70
C GLY A 183 -28.40 7.56 49.18
N THR A 184 -27.28 7.52 48.46
CA THR A 184 -26.05 8.15 48.91
C THR A 184 -25.77 9.50 48.29
N LEU A 185 -26.15 9.74 47.04
CA LEU A 185 -25.85 11.01 46.37
C LEU A 185 -27.10 11.80 46.03
N LEU A 186 -28.26 11.39 46.54
CA LEU A 186 -29.52 11.98 46.09
C LEU A 186 -29.68 13.42 46.54
N ASP A 187 -29.00 13.85 47.60
CA ASP A 187 -29.17 15.20 48.10
C ASP A 187 -28.62 16.17 47.06
N LYS A 188 -29.52 16.73 46.25
CA LYS A 188 -29.11 17.71 45.25
C LYS A 188 -28.62 18.99 45.91
N SER A 189 -29.43 19.53 46.83
CA SER A 189 -29.16 20.75 47.58
C SER A 189 -29.01 21.96 46.66
N THR A 190 -29.17 21.76 45.35
CA THR A 190 -29.16 22.82 44.34
C THR A 190 -27.93 23.72 44.45
N ARG A 191 -26.76 23.11 44.44
CA ARG A 191 -25.50 23.86 44.56
C ARG A 191 -24.65 23.55 43.34
N PHE A 192 -24.92 24.26 42.24
CA PHE A 192 -24.11 24.02 41.05
C PHE A 192 -22.78 24.75 41.10
N CYS A 193 -22.71 25.89 41.79
CA CYS A 193 -21.65 26.88 41.56
C CYS A 193 -20.24 26.32 41.70
N GLN A 194 -20.08 25.16 42.33
CA GLN A 194 -18.78 24.52 42.40
C GLN A 194 -18.31 23.91 41.08
N GLY A 195 -19.09 24.03 40.03
CA GLY A 195 -18.81 23.32 38.79
C GLY A 195 -17.47 23.65 38.18
N ARG A 196 -17.01 24.89 38.33
CA ARG A 196 -15.82 25.34 37.61
C ARG A 196 -14.53 24.70 38.12
N PRO A 197 -13.80 23.98 37.27
CA PRO A 197 -12.47 23.49 37.63
C PRO A 197 -11.41 24.42 37.11
N SER A 198 -10.14 24.11 37.37
CA SER A 198 -9.07 24.87 36.73
C SER A 198 -9.10 24.64 35.23
N SER A 199 -8.44 25.54 34.51
CA SER A 199 -8.30 25.38 33.06
C SER A 199 -7.56 24.10 32.72
N CYS A 200 -8.07 23.37 31.73
CA CYS A 200 -7.49 22.11 31.31
C CYS A 200 -7.58 21.99 29.80
N SER A 201 -6.47 21.60 29.18
CA SER A 201 -6.36 21.56 27.73
C SER A 201 -6.51 20.14 27.18
N THR A 202 -7.05 19.21 27.97
CA THR A 202 -7.15 17.83 27.56
C THR A 202 -8.57 17.43 27.17
N ARG A 203 -9.31 18.34 26.55
CA ARG A 203 -10.65 17.98 26.10
C ARG A 203 -10.54 17.08 24.88
N ASN A 204 -11.37 16.04 24.84
CA ASN A 204 -11.28 15.03 23.79
C ASN A 204 -12.49 14.12 23.87
N PHE A 205 -12.50 13.11 23.00
CA PHE A 205 -13.62 12.19 22.91
C PHE A 205 -13.81 11.41 24.21
N TRP A 206 -12.72 10.91 24.78
CA TRP A 206 -12.82 10.11 25.99
C TRP A 206 -12.88 10.94 27.27
N PHE A 207 -12.20 12.08 27.30
CA PHE A 207 -11.85 12.73 28.57
C PHE A 207 -12.19 14.20 28.48
N ARG A 208 -13.20 14.64 29.23
CA ARG A 208 -13.62 16.03 29.25
C ARG A 208 -13.77 16.53 30.69
N PRO A 209 -12.71 17.08 31.27
CA PRO A 209 -12.83 17.70 32.59
C PRO A 209 -13.43 19.09 32.56
N ALA A 210 -13.68 19.64 31.38
CA ALA A 210 -14.20 20.99 31.30
C ALA A 210 -15.71 21.07 31.53
N ASP A 211 -16.49 20.17 30.92
CA ASP A 211 -17.95 20.29 31.01
C ASP A 211 -18.41 20.17 32.45
N TYR A 212 -19.27 21.07 32.88
CA TYR A 212 -19.77 21.08 34.24
C TYR A 212 -21.27 20.98 34.17
N ASN A 213 -21.76 19.77 34.02
CA ASN A 213 -23.19 19.54 33.97
C ASN A 213 -23.84 19.60 35.35
N GLN A 214 -23.27 18.91 36.33
CA GLN A 214 -23.91 18.80 37.63
C GLN A 214 -22.88 18.81 38.74
N CYS A 215 -23.37 19.13 39.94
CA CYS A 215 -22.63 18.93 41.19
C CYS A 215 -23.66 18.54 42.23
N LEU A 216 -23.52 17.36 42.83
CA LEU A 216 -24.50 16.91 43.81
C LEU A 216 -23.80 16.46 45.08
N GLN A 217 -24.48 16.64 46.21
CA GLN A 217 -23.87 16.35 47.50
C GLN A 217 -23.90 14.86 47.80
N ILE A 218 -22.91 14.40 48.55
CA ILE A 218 -22.85 13.03 49.03
C ILE A 218 -23.37 13.05 50.46
N SER A 219 -24.63 12.63 50.62
CA SER A 219 -25.31 12.74 51.91
C SER A 219 -24.54 12.04 53.02
N ASN A 220 -24.09 10.82 52.77
CA ASN A 220 -23.44 10.02 53.80
C ASN A 220 -22.12 10.62 54.28
N LEU A 221 -21.62 11.68 53.64
CA LEU A 221 -20.39 12.34 54.05
C LEU A 221 -20.64 13.82 54.31
N SER A 222 -20.27 14.27 55.50
CA SER A 222 -20.19 15.69 55.84
C SER A 222 -21.51 16.43 55.62
N SER A 223 -22.55 15.95 56.29
CA SER A 223 -23.85 16.59 56.20
C SER A 223 -23.86 17.93 56.94
N THR A 224 -23.23 17.98 58.12
CA THR A 224 -23.33 19.16 58.97
C THR A 224 -22.66 20.36 58.32
N ALA A 225 -21.46 20.16 57.77
CA ALA A 225 -20.70 21.23 57.14
C ALA A 225 -19.72 20.58 56.18
N GLU A 226 -19.01 21.43 55.45
CA GLU A 226 -17.98 21.04 54.49
C GLU A 226 -18.45 19.94 53.54
N TRP A 227 -19.65 20.09 52.99
CA TRP A 227 -20.21 19.01 52.20
C TRP A 227 -19.41 18.77 50.92
N VAL A 228 -19.29 17.50 50.56
CA VAL A 228 -18.50 17.06 49.43
C VAL A 228 -19.43 16.84 48.25
N LEU A 229 -19.10 17.40 47.10
CA LEU A 229 -19.93 17.30 45.92
C LEU A 229 -19.25 16.40 44.89
N LEU A 230 -20.06 15.67 44.14
CA LEU A 230 -19.61 14.83 43.05
C LEU A 230 -20.30 15.24 41.76
N ASP A 231 -19.50 15.41 40.71
CA ASP A 231 -19.98 15.54 39.34
C ASP A 231 -19.81 14.18 38.69
N GLN A 232 -20.92 13.47 38.50
CA GLN A 232 -20.86 12.15 37.88
C GLN A 232 -20.46 12.22 36.43
N THR A 233 -20.88 13.28 35.73
CA THR A 233 -20.57 13.42 34.32
C THR A 233 -19.07 13.36 34.07
N ARG A 234 -18.29 14.05 34.89
CA ARG A 234 -16.84 13.97 34.84
C ARG A 234 -16.28 12.98 35.82
N ASN A 235 -17.14 12.26 36.55
CA ASN A 235 -16.78 11.40 37.67
C ASN A 235 -15.62 11.99 38.48
N SER A 236 -15.87 13.21 38.96
CA SER A 236 -14.89 13.98 39.71
C SER A 236 -15.57 14.53 40.95
N LEU A 237 -14.78 14.87 41.97
CA LEU A 237 -15.35 15.34 43.21
C LEU A 237 -14.65 16.58 43.73
N PHE A 238 -15.42 17.41 44.45
CA PHE A 238 -14.97 18.69 44.97
C PHE A 238 -15.31 18.80 46.44
N TRP A 239 -14.40 19.37 47.22
CA TRP A 239 -14.59 19.57 48.65
C TRP A 239 -14.81 21.04 48.97
N GLU A 240 -15.69 21.33 49.92
CA GLU A 240 -15.88 22.70 50.37
C GLU A 240 -15.51 22.81 51.84
N ASN A 241 -15.15 24.02 52.25
CA ASN A 241 -15.02 24.39 53.65
C ASN A 241 -16.16 25.35 53.94
N LYS A 242 -16.80 25.20 55.09
CA LYS A 242 -18.00 25.98 55.36
C LYS A 242 -17.73 27.10 56.36
N THR A 243 -17.37 28.26 55.84
CA THR A 243 -17.18 29.46 56.62
C THR A 243 -17.59 30.63 55.77
N LYS A 244 -18.17 31.65 56.41
CA LYS A 244 -18.69 32.81 55.70
C LYS A 244 -17.57 33.55 54.98
N GLY A 245 -16.55 33.96 55.72
CA GLY A 245 -15.29 34.27 55.07
C GLY A 245 -14.77 33.00 54.43
N ALA A 246 -14.15 33.13 53.26
CA ALA A 246 -13.81 31.92 52.55
C ALA A 246 -12.58 32.08 51.69
N ASN A 247 -11.96 30.94 51.46
CA ASN A 247 -10.89 30.65 50.53
C ASN A 247 -11.11 29.20 50.14
N GLN A 248 -10.76 28.86 48.90
CA GLN A 248 -11.02 27.52 48.41
C GLN A 248 -10.08 27.22 47.26
N SER A 249 -9.61 25.97 47.22
CA SER A 249 -8.66 25.53 46.22
C SER A 249 -9.36 25.09 44.95
N GLN A 250 -8.57 24.88 43.91
CA GLN A 250 -9.07 24.34 42.66
C GLN A 250 -8.62 22.89 42.51
N THR A 251 -9.26 22.20 41.60
CA THR A 251 -8.97 20.82 41.32
C THR A 251 -7.73 20.68 40.44
N PRO A 252 -7.02 19.57 40.51
CA PRO A 252 -5.99 19.28 39.53
C PRO A 252 -6.62 18.95 38.20
N CYS A 253 -5.81 18.95 37.15
CA CYS A 253 -6.34 18.71 35.82
C CYS A 253 -6.96 17.32 35.71
N VAL A 254 -6.33 16.32 36.29
CA VAL A 254 -6.82 14.96 36.28
C VAL A 254 -7.07 14.49 37.71
N GLN A 255 -8.32 14.18 38.02
CA GLN A 255 -8.63 13.66 39.35
C GLN A 255 -8.16 12.22 39.47
N VAL A 256 -7.85 11.83 40.71
CA VAL A 256 -7.47 10.43 40.94
C VAL A 256 -8.65 9.50 40.67
N LEU A 257 -9.86 9.92 41.04
CA LEU A 257 -11.02 9.08 40.79
C LEU A 257 -11.27 8.91 39.29
N ALA A 258 -11.16 10.01 38.55
CA ALA A 258 -11.30 9.93 37.10
C ALA A 258 -10.25 9.01 36.50
N GLY A 259 -9.01 9.12 36.99
CA GLY A 259 -7.96 8.25 36.47
C GLY A 259 -8.24 6.79 36.76
N MET A 260 -8.79 6.50 37.93
CA MET A 260 -9.15 5.12 38.24
C MET A 260 -10.25 4.63 37.34
N THR A 261 -11.28 5.44 37.12
CA THR A 261 -12.43 5.01 36.34
C THR A 261 -12.08 4.80 34.87
N ILE A 262 -11.33 5.73 34.28
CA ILE A 262 -11.11 5.70 32.83
C ILE A 262 -10.19 4.56 32.39
N ALA A 263 -9.55 3.86 33.33
CA ALA A 263 -8.49 2.92 33.00
C ALA A 263 -9.07 1.64 32.42
N THR A 264 -9.22 1.62 31.10
CA THR A 264 -9.56 0.40 30.38
C THR A 264 -8.99 0.54 28.97
N SER A 265 -8.63 -0.58 28.34
CA SER A 265 -8.19 -0.53 26.96
C SER A 265 -9.36 -0.27 26.03
N TYR A 266 -9.13 0.50 24.97
CA TYR A 266 -10.17 0.82 24.01
C TYR A 266 -9.76 0.35 22.63
N LEU A 267 -10.69 -0.27 21.91
CA LEU A 267 -10.43 -0.86 20.61
C LEU A 267 -11.12 -0.03 19.52
N GLY A 268 -10.33 0.48 18.58
CA GLY A 268 -10.88 1.21 17.45
C GLY A 268 -11.16 0.27 16.29
N ILE A 269 -12.38 0.31 15.78
CA ILE A 269 -12.84 -0.60 14.74
C ILE A 269 -13.30 0.20 13.54
N SER A 270 -13.02 -0.31 12.34
CA SER A 270 -13.53 0.30 11.12
C SER A 270 -13.97 -0.80 10.17
N ALA A 271 -14.95 -0.49 9.34
CA ALA A 271 -15.53 -1.46 8.42
C ALA A 271 -15.08 -1.14 7.01
N VAL A 272 -14.63 -2.15 6.28
CA VAL A 272 -14.12 -1.98 4.93
C VAL A 272 -15.00 -2.77 3.98
N SER A 273 -15.34 -2.14 2.86
CA SER A 273 -16.16 -2.79 1.84
C SER A 273 -15.38 -3.90 1.17
N GLU A 274 -16.01 -5.05 1.00
CA GLU A 274 -15.28 -6.25 0.60
C GLU A 274 -16.24 -7.18 -0.14
N PHE A 275 -15.67 -8.14 -0.86
CA PHE A 275 -16.47 -9.23 -1.40
C PHE A 275 -17.15 -9.99 -0.26
N PHE A 276 -18.23 -10.69 -0.62
CA PHE A 276 -19.03 -11.45 0.34
C PHE A 276 -19.49 -10.56 1.49
N GLY A 277 -19.88 -9.33 1.16
CA GLY A 277 -20.32 -8.37 2.16
C GLY A 277 -19.16 -7.61 2.79
N THR A 278 -19.52 -6.52 3.47
CA THR A 278 -18.52 -5.70 4.13
C THR A 278 -18.01 -6.38 5.40
N SER A 279 -16.78 -6.05 5.78
CA SER A 279 -16.10 -6.75 6.85
C SER A 279 -15.61 -5.76 7.91
N LEU A 280 -15.44 -6.26 9.13
CA LEU A 280 -14.99 -5.47 10.25
C LEU A 280 -13.51 -5.72 10.49
N THR A 281 -12.71 -4.65 10.50
CA THR A 281 -11.29 -4.72 10.77
C THR A 281 -10.96 -3.84 11.98
N PRO A 282 -10.35 -4.40 13.03
CA PRO A 282 -9.93 -3.57 14.17
C PRO A 282 -8.58 -2.93 13.85
N LEU A 283 -8.54 -1.60 13.88
CA LEU A 283 -7.32 -0.86 13.60
C LEU A 283 -6.24 -1.10 14.65
N PHE A 284 -6.48 -0.65 15.88
CA PHE A 284 -5.49 -0.75 16.94
C PHE A 284 -6.19 -0.48 18.26
N HIS A 285 -5.50 -0.76 19.36
CA HIS A 285 -6.08 -0.51 20.67
C HIS A 285 -5.02 0.04 21.61
N PHE A 286 -5.43 0.96 22.48
CA PHE A 286 -4.51 1.62 23.38
C PHE A 286 -4.96 1.44 24.82
N HIS A 287 -4.05 0.93 25.65
CA HIS A 287 -4.27 0.79 27.06
C HIS A 287 -3.99 2.11 27.77
N ILE A 288 -4.72 2.34 28.86
CA ILE A 288 -4.55 3.52 29.69
C ILE A 288 -4.29 3.08 31.13
N SER A 289 -3.26 3.63 31.75
CA SER A 289 -2.90 3.32 33.13
C SER A 289 -2.76 4.61 33.92
N THR A 290 -3.12 4.56 35.19
CA THR A 290 -3.09 5.73 36.06
C THR A 290 -1.94 5.65 37.05
N CYS A 291 -1.33 6.80 37.33
CA CYS A 291 -0.19 6.90 38.23
C CYS A 291 -0.31 8.19 39.03
N LEU A 292 -0.07 8.12 40.33
CA LEU A 292 -0.07 9.36 41.10
C LEU A 292 1.17 10.17 40.80
N LYS A 293 0.99 11.49 40.75
CA LYS A 293 2.07 12.42 40.44
C LYS A 293 2.48 13.22 41.68
N THR A 294 2.04 12.81 42.86
CA THR A 294 2.43 13.49 44.08
C THR A 294 2.95 12.45 45.07
N GLN A 295 3.70 12.93 46.06
CA GLN A 295 4.33 12.05 47.04
C GLN A 295 3.30 11.24 47.81
N GLY A 296 3.71 10.06 48.25
CA GLY A 296 2.79 9.17 48.92
C GLY A 296 1.69 8.75 47.96
N ALA A 297 0.44 8.97 48.38
CA ALA A 297 -0.74 8.76 47.53
C ALA A 297 -0.74 7.37 46.90
N PHE A 298 -0.32 6.38 47.68
CA PHE A 298 -0.24 5.02 47.18
C PHE A 298 -1.59 4.34 47.24
N TYR A 299 -1.94 3.61 46.16
CA TYR A 299 -3.21 2.91 46.16
C TYR A 299 -3.21 1.72 47.11
N ILE A 300 -3.59 1.96 48.36
CA ILE A 300 -3.84 0.89 49.29
C ILE A 300 -4.92 0.00 48.69
N CYS A 301 -4.66 -1.30 48.60
CA CYS A 301 -5.66 -2.23 48.12
C CYS A 301 -5.36 -3.56 48.79
N GLY A 302 -6.29 -4.05 49.60
CA GLY A 302 -5.99 -5.19 50.45
C GLY A 302 -4.79 -4.88 51.33
N GLN A 303 -3.95 -5.88 51.54
CA GLN A 303 -2.64 -5.58 52.12
C GLN A 303 -1.74 -4.85 51.14
N SER A 304 -1.91 -5.08 49.83
CA SER A 304 -0.96 -4.57 48.85
C SER A 304 -1.06 -3.05 48.75
N ILE A 305 0.03 -2.44 48.27
CA ILE A 305 0.11 -0.98 48.15
C ILE A 305 0.70 -0.65 46.78
N HIS A 306 -0.16 -0.50 45.78
CA HIS A 306 0.34 -0.25 44.42
C HIS A 306 0.68 1.21 44.21
N GLN A 307 1.73 1.46 43.42
CA GLN A 307 2.01 2.82 43.00
C GLN A 307 1.15 3.25 41.82
N CYS A 308 0.93 2.37 40.85
CA CYS A 308 0.12 2.67 39.68
C CYS A 308 -0.84 1.52 39.39
N LEU A 309 -1.82 1.79 38.54
CA LEU A 309 -2.82 0.77 38.32
C LEU A 309 -2.78 0.24 36.89
N PRO A 310 -3.03 -1.06 36.70
CA PRO A 310 -2.95 -1.65 35.36
C PRO A 310 -4.08 -1.19 34.46
N SER A 311 -4.12 -1.73 33.25
CA SER A 311 -5.12 -1.31 32.27
C SER A 311 -6.52 -1.76 32.66
N ASN A 312 -6.68 -3.01 33.06
CA ASN A 312 -7.96 -3.49 33.58
C ASN A 312 -7.68 -4.05 34.97
N TRP A 313 -8.22 -3.40 35.99
CA TRP A 313 -7.85 -3.73 37.36
C TRP A 313 -9.09 -4.19 38.12
N THR A 314 -8.96 -5.32 38.80
CA THR A 314 -10.06 -5.88 39.58
C THR A 314 -9.68 -5.80 41.06
N GLY A 315 -10.55 -5.22 41.86
CA GLY A 315 -10.34 -5.13 43.28
C GLY A 315 -10.94 -3.85 43.82
N THR A 316 -10.67 -3.61 45.11
CA THR A 316 -11.09 -2.42 45.82
C THR A 316 -9.86 -1.65 46.29
N CYS A 317 -9.81 -0.37 45.94
CA CYS A 317 -8.65 0.45 46.22
C CYS A 317 -9.05 1.78 46.85
N THR A 318 -8.30 2.18 47.86
CA THR A 318 -8.36 3.50 48.47
C THR A 318 -6.97 4.11 48.39
N ILE A 319 -6.88 5.41 48.17
CA ILE A 319 -5.57 6.06 48.11
C ILE A 319 -5.15 6.50 49.50
N GLY A 320 -3.97 6.08 49.92
CA GLY A 320 -3.50 6.37 51.26
C GLY A 320 -2.08 6.88 51.35
N TYR A 321 -1.55 6.86 52.57
CA TYR A 321 -0.27 7.41 52.94
C TYR A 321 0.55 6.37 53.69
N VAL A 322 1.85 6.61 53.74
CA VAL A 322 2.80 5.74 54.45
C VAL A 322 2.65 4.29 54.06
N CYS B 44 9.46 11.49 -42.16
CA CYS B 44 9.45 12.16 -40.87
C CYS B 44 8.65 11.36 -39.90
N ASN B 45 8.10 10.26 -40.40
CA ASN B 45 7.17 9.46 -39.63
C ASN B 45 7.80 8.70 -38.47
N LYS B 46 9.13 8.64 -38.39
CA LYS B 46 9.79 7.80 -37.40
C LYS B 46 9.35 8.15 -35.98
N LEU B 47 9.43 9.44 -35.62
CA LEU B 47 8.94 9.86 -34.31
C LEU B 47 7.45 9.59 -34.18
N CYS B 48 6.70 9.85 -35.24
CA CYS B 48 5.25 9.66 -35.21
C CYS B 48 4.85 8.23 -34.90
N TYR B 49 5.62 7.25 -35.37
CA TYR B 49 5.34 5.89 -34.98
C TYR B 49 5.89 5.59 -33.60
N ALA B 50 7.02 6.19 -33.25
CA ALA B 50 7.64 5.88 -31.97
C ALA B 50 6.76 6.28 -30.80
N VAL B 51 6.02 7.39 -30.93
CA VAL B 51 5.22 7.90 -29.83
C VAL B 51 4.15 6.91 -29.38
N GLY B 52 3.81 5.93 -30.22
CA GLY B 52 2.76 4.99 -29.90
C GLY B 52 3.02 4.10 -28.70
N GLY B 53 4.27 3.92 -28.29
CA GLY B 53 4.52 3.08 -27.14
C GLY B 53 4.06 3.71 -25.83
N ALA B 54 4.13 5.03 -25.75
CA ALA B 54 3.82 5.72 -24.50
C ALA B 54 2.38 5.49 -24.03
N PRO B 55 1.34 5.55 -24.86
CA PRO B 55 -0.02 5.38 -24.30
C PRO B 55 -0.21 4.06 -23.59
N TYR B 56 0.35 2.97 -24.10
CA TYR B 56 0.27 1.72 -23.37
C TYR B 56 1.17 1.72 -22.15
N GLN B 57 2.41 2.18 -22.31
CA GLN B 57 3.40 1.97 -21.26
C GLN B 57 3.09 2.81 -20.03
N VAL B 58 2.69 4.07 -20.20
CA VAL B 58 2.43 4.93 -19.05
C VAL B 58 1.30 4.35 -18.20
N THR B 59 0.22 3.90 -18.83
CA THR B 59 -0.87 3.32 -18.07
C THR B 59 -0.44 2.03 -17.39
N GLY B 60 0.31 1.18 -18.12
CA GLY B 60 0.78 -0.05 -17.51
C GLY B 60 1.60 0.22 -16.26
N CYS B 61 2.48 1.22 -16.31
CA CYS B 61 3.31 1.54 -15.16
C CYS B 61 2.47 2.12 -14.02
N ALA B 62 1.61 3.09 -14.35
CA ALA B 62 0.77 3.72 -13.34
C ALA B 62 -0.04 2.69 -12.58
N LEU B 63 -0.77 1.84 -13.31
CA LEU B 63 -1.51 0.76 -12.69
C LEU B 63 -0.60 -0.13 -11.86
N GLY B 64 0.41 -0.75 -12.49
CA GLY B 64 1.26 -1.69 -11.80
C GLY B 64 1.91 -1.16 -10.53
N PHE B 65 2.05 0.16 -10.42
CA PHE B 65 2.71 0.70 -9.24
C PHE B 65 1.74 1.32 -8.23
N PHE B 66 0.53 1.67 -8.64
CA PHE B 66 -0.34 2.44 -7.76
C PHE B 66 -1.67 1.80 -7.47
N LEU B 67 -2.12 0.83 -8.28
CA LEU B 67 -3.49 0.36 -8.14
C LEU B 67 -3.73 -0.30 -6.80
N GLN B 68 -2.77 -1.09 -6.32
CA GLN B 68 -2.94 -1.76 -5.04
C GLN B 68 -3.05 -0.76 -3.90
N ILE B 69 -2.18 0.26 -3.92
CA ILE B 69 -2.21 1.26 -2.87
C ILE B 69 -3.53 2.02 -2.92
N TYR B 70 -3.99 2.37 -4.12
CA TYR B 70 -5.25 3.08 -4.24
C TYR B 70 -6.41 2.22 -3.75
N LEU B 71 -6.40 0.94 -4.09
CA LEU B 71 -7.47 0.05 -3.68
C LEU B 71 -7.53 -0.08 -2.18
N LEU B 72 -6.37 -0.19 -1.53
CA LEU B 72 -6.38 -0.35 -0.08
C LEU B 72 -6.66 0.94 0.66
N ASP B 73 -6.20 2.09 0.16
CA ASP B 73 -6.29 3.34 0.91
C ASP B 73 -7.42 4.24 0.46
N VAL B 74 -7.36 4.74 -0.78
CA VAL B 74 -8.28 5.78 -1.21
C VAL B 74 -9.69 5.22 -1.36
N ALA B 75 -9.83 4.17 -2.15
CA ALA B 75 -10.98 3.32 -1.93
C ALA B 75 -10.67 2.42 -0.75
N GLN B 76 -11.71 1.81 -0.21
CA GLN B 76 -11.53 0.89 0.90
C GLN B 76 -12.06 -0.45 0.45
N VAL B 77 -11.14 -1.35 0.16
CA VAL B 77 -11.41 -2.73 -0.15
C VAL B 77 -10.53 -3.59 0.74
N GLY B 78 -11.07 -4.74 1.18
CA GLY B 78 -10.33 -5.60 2.06
C GLY B 78 -9.11 -6.14 1.36
N PRO B 79 -8.11 -6.56 2.12
CA PRO B 79 -6.94 -7.21 1.50
C PRO B 79 -7.31 -8.41 0.67
N PHE B 80 -8.31 -9.17 1.11
CA PHE B 80 -8.83 -10.29 0.34
C PHE B 80 -9.25 -9.86 -1.05
N SER B 81 -10.25 -8.97 -1.13
CA SER B 81 -10.76 -8.58 -2.42
C SER B 81 -9.73 -7.81 -3.24
N ALA B 82 -8.82 -7.08 -2.58
CA ALA B 82 -7.77 -6.39 -3.32
C ALA B 82 -6.88 -7.39 -4.04
N SER B 83 -6.42 -8.41 -3.31
CA SER B 83 -5.58 -9.43 -3.92
C SER B 83 -6.33 -10.14 -5.04
N ILE B 84 -7.62 -10.40 -4.83
CA ILE B 84 -8.41 -11.09 -5.85
C ILE B 84 -8.51 -10.22 -7.10
N ILE B 85 -8.77 -8.93 -6.93
CA ILE B 85 -8.92 -8.05 -8.08
C ILE B 85 -7.62 -7.97 -8.86
N LEU B 86 -6.49 -7.85 -8.16
CA LEU B 86 -5.21 -7.75 -8.86
C LEU B 86 -4.90 -9.03 -9.62
N PHE B 87 -5.09 -10.18 -8.96
CA PHE B 87 -4.77 -11.44 -9.61
C PHE B 87 -5.67 -11.67 -10.82
N VAL B 88 -6.97 -11.39 -10.68
CA VAL B 88 -7.88 -11.61 -11.78
C VAL B 88 -7.57 -10.67 -12.93
N GLY B 89 -7.18 -9.43 -12.62
CA GLY B 89 -6.85 -8.51 -13.70
C GLY B 89 -5.66 -8.98 -14.52
N ARG B 90 -4.60 -9.41 -13.84
CA ARG B 90 -3.43 -9.89 -14.58
C ARG B 90 -3.77 -11.14 -15.38
N ALA B 91 -4.50 -12.07 -14.76
CA ALA B 91 -4.85 -13.32 -15.44
C ALA B 91 -5.69 -13.01 -16.67
N TRP B 92 -6.63 -12.08 -16.53
CA TRP B 92 -7.47 -11.72 -17.65
C TRP B 92 -6.62 -11.14 -18.77
N ASP B 93 -5.62 -10.34 -18.41
CA ASP B 93 -4.77 -9.75 -19.45
C ASP B 93 -4.04 -10.84 -20.24
N ALA B 94 -3.51 -11.82 -19.51
CA ALA B 94 -2.81 -12.91 -20.20
C ALA B 94 -3.76 -13.68 -21.09
N ILE B 95 -4.95 -13.96 -20.60
CA ILE B 95 -5.93 -14.72 -21.38
C ILE B 95 -6.38 -13.95 -22.62
N THR B 96 -6.64 -12.65 -22.49
CA THR B 96 -7.12 -11.90 -23.65
C THR B 96 -6.07 -11.73 -24.73
N ASP B 97 -4.78 -11.71 -24.37
CA ASP B 97 -3.75 -11.44 -25.37
C ASP B 97 -3.79 -12.36 -26.60
N PRO B 98 -3.79 -13.70 -26.48
CA PRO B 98 -3.87 -14.50 -27.72
C PRO B 98 -5.18 -14.33 -28.46
N LEU B 99 -6.30 -14.21 -27.74
CA LEU B 99 -7.59 -14.10 -28.41
C LEU B 99 -7.68 -12.82 -29.25
N VAL B 100 -7.22 -11.70 -28.70
CA VAL B 100 -7.21 -10.48 -29.48
C VAL B 100 -6.25 -10.63 -30.65
N GLY B 101 -5.14 -11.35 -30.45
CA GLY B 101 -4.26 -11.62 -31.57
C GLY B 101 -4.96 -12.36 -32.70
N PHE B 102 -5.77 -13.37 -32.34
CA PHE B 102 -6.49 -14.11 -33.36
C PHE B 102 -7.49 -13.22 -34.08
N CYS B 103 -8.26 -12.43 -33.33
CA CYS B 103 -9.25 -11.60 -34.00
C CYS B 103 -8.60 -10.53 -34.89
N ILE B 104 -7.39 -10.10 -34.56
CA ILE B 104 -6.66 -9.23 -35.48
C ILE B 104 -6.30 -10.01 -36.73
N SER B 105 -5.77 -11.22 -36.55
CA SER B 105 -5.36 -12.02 -37.71
C SER B 105 -6.53 -12.27 -38.65
N LYS B 106 -7.70 -12.56 -38.09
CA LYS B 106 -8.86 -12.82 -38.92
C LYS B 106 -9.32 -11.55 -39.63
N SER B 107 -9.19 -10.40 -38.96
CA SER B 107 -9.80 -9.17 -39.46
C SER B 107 -9.24 -8.77 -40.82
N SER B 108 -10.13 -8.34 -41.72
CA SER B 108 -9.79 -7.95 -43.07
C SER B 108 -9.53 -6.44 -43.21
N TRP B 109 -9.03 -6.07 -44.38
CA TRP B 109 -8.78 -4.69 -44.80
C TRP B 109 -10.06 -4.13 -45.41
N THR B 110 -10.80 -3.33 -44.64
CA THR B 110 -12.06 -2.74 -45.10
C THR B 110 -12.05 -1.22 -44.93
N ARG B 111 -11.92 -0.52 -46.07
CA ARG B 111 -12.02 0.94 -46.17
C ARG B 111 -11.16 1.63 -45.11
N LEU B 112 -9.98 1.06 -44.84
CA LEU B 112 -9.07 1.64 -43.87
C LEU B 112 -7.91 0.68 -43.66
N GLY B 113 -6.97 1.04 -42.80
CA GLY B 113 -5.78 0.27 -42.54
C GLY B 113 -6.07 -1.17 -42.17
N ARG B 114 -5.10 -2.06 -42.37
CA ARG B 114 -5.32 -3.46 -42.04
C ARG B 114 -5.59 -3.62 -40.55
N LEU B 115 -4.79 -2.96 -39.72
CA LEU B 115 -4.95 -3.04 -38.28
C LEU B 115 -5.10 -1.69 -37.57
N MET B 116 -5.08 -0.59 -38.29
CA MET B 116 -5.22 0.73 -37.68
C MET B 116 -6.62 0.98 -37.10
N PRO B 117 -7.68 0.50 -37.75
CA PRO B 117 -9.00 0.56 -37.10
C PRO B 117 -9.04 -0.11 -35.75
N TRP B 118 -8.12 -1.00 -35.43
CA TRP B 118 -8.07 -1.54 -34.08
C TRP B 118 -7.68 -0.47 -33.07
N ILE B 119 -6.66 0.33 -33.38
CA ILE B 119 -6.34 1.49 -32.55
C ILE B 119 -7.53 2.44 -32.50
N ILE B 120 -8.20 2.62 -33.64
CA ILE B 120 -9.30 3.58 -33.70
C ILE B 120 -10.45 3.13 -32.82
N PHE B 121 -10.76 1.84 -32.82
CA PHE B 121 -11.81 1.30 -31.97
C PHE B 121 -11.38 1.27 -30.51
N SER B 122 -10.07 1.17 -30.26
CA SER B 122 -9.62 0.97 -28.88
C SER B 122 -9.55 2.28 -28.11
N THR B 123 -8.97 3.31 -28.74
CA THR B 123 -8.59 4.52 -28.01
C THR B 123 -9.68 5.16 -27.17
N PRO B 124 -10.89 5.47 -27.70
CA PRO B 124 -11.86 6.19 -26.86
C PRO B 124 -12.37 5.35 -25.71
N LEU B 125 -12.73 4.10 -26.01
CA LEU B 125 -13.25 3.23 -24.96
C LEU B 125 -12.19 2.92 -23.92
N ALA B 126 -10.94 2.71 -24.34
CA ALA B 126 -9.89 2.45 -23.38
C ALA B 126 -9.62 3.67 -22.51
N VAL B 127 -9.65 4.86 -23.10
CA VAL B 127 -9.41 6.07 -22.32
C VAL B 127 -10.53 6.30 -21.31
N ILE B 128 -11.78 6.10 -21.72
CA ILE B 128 -12.89 6.24 -20.77
C ILE B 128 -12.76 5.23 -19.65
N ALA B 129 -12.35 4.00 -19.98
CA ALA B 129 -12.19 2.99 -18.95
C ALA B 129 -11.10 3.37 -17.96
N TYR B 130 -9.96 3.84 -18.47
CA TYR B 130 -8.85 4.20 -17.59
C TYR B 130 -9.22 5.37 -16.70
N PHE B 131 -9.95 6.35 -17.24
CA PHE B 131 -10.42 7.43 -16.38
C PHE B 131 -11.38 6.91 -15.33
N LEU B 132 -12.32 6.07 -15.76
CA LEU B 132 -13.42 5.66 -14.90
C LEU B 132 -12.96 4.77 -13.75
N ILE B 133 -11.96 3.92 -13.99
CA ILE B 133 -11.53 2.99 -12.95
C ILE B 133 -11.01 3.74 -11.73
N TRP B 134 -10.27 4.82 -11.94
CA TRP B 134 -9.70 5.58 -10.84
C TRP B 134 -10.80 6.16 -9.94
N PHE B 135 -11.88 6.65 -10.54
CA PHE B 135 -12.96 7.22 -9.73
C PHE B 135 -13.57 6.14 -8.85
N VAL B 136 -13.89 6.49 -7.61
CA VAL B 136 -14.48 5.56 -6.65
C VAL B 136 -15.99 5.76 -6.63
N PRO B 137 -16.78 4.72 -6.90
CA PRO B 137 -18.24 4.86 -6.95
C PRO B 137 -18.86 4.88 -5.56
N ASP B 138 -19.79 5.81 -5.34
CA ASP B 138 -20.53 5.85 -4.09
C ASP B 138 -21.83 5.10 -4.40
N PHE B 139 -22.01 3.94 -3.77
CA PHE B 139 -23.11 3.00 -3.97
C PHE B 139 -23.41 2.26 -2.69
N PRO B 140 -24.69 2.01 -2.40
CA PRO B 140 -25.01 1.21 -1.20
C PRO B 140 -24.54 -0.23 -1.31
N HIS B 141 -24.66 -0.86 -2.48
CA HIS B 141 -24.34 -2.27 -2.66
C HIS B 141 -23.49 -2.46 -3.91
N GLY B 142 -22.74 -3.57 -3.90
CA GLY B 142 -21.98 -3.99 -5.06
C GLY B 142 -20.91 -3.02 -5.52
N GLN B 143 -20.34 -2.24 -4.60
CA GLN B 143 -19.34 -1.26 -4.99
C GLN B 143 -18.07 -1.92 -5.49
N THR B 144 -17.64 -3.00 -4.84
CA THR B 144 -16.33 -3.58 -5.12
C THR B 144 -16.23 -4.17 -6.53
N TYR B 145 -17.30 -4.77 -7.04
CA TYR B 145 -17.25 -5.36 -8.38
C TYR B 145 -16.80 -4.37 -9.44
N TRP B 146 -17.28 -3.13 -9.34
CA TRP B 146 -16.96 -2.03 -10.26
C TRP B 146 -15.49 -1.97 -10.62
N TYR B 147 -14.64 -2.10 -9.60
CA TYR B 147 -13.20 -2.07 -9.83
C TYR B 147 -12.74 -3.22 -10.71
N LEU B 148 -13.24 -4.43 -10.42
CA LEU B 148 -12.81 -5.60 -11.16
C LEU B 148 -13.28 -5.51 -12.60
N LEU B 149 -14.55 -5.14 -12.79
CA LEU B 149 -15.10 -5.02 -14.15
C LEU B 149 -14.35 -4.00 -14.96
N PHE B 150 -14.15 -2.80 -14.42
CA PHE B 150 -13.51 -1.79 -15.25
C PHE B 150 -12.01 -2.00 -15.38
N TYR B 151 -11.39 -2.74 -14.45
CA TYR B 151 -10.00 -3.10 -14.63
C TYR B 151 -9.83 -4.11 -15.74
N CYS B 152 -10.63 -5.17 -15.71
CA CYS B 152 -10.54 -6.16 -16.79
C CYS B 152 -10.89 -5.55 -18.13
N LEU B 153 -11.92 -4.69 -18.16
CA LEU B 153 -12.34 -4.11 -19.44
C LEU B 153 -11.28 -3.15 -19.98
N PHE B 154 -10.70 -2.31 -19.13
CA PHE B 154 -9.64 -1.45 -19.62
C PHE B 154 -8.46 -2.27 -20.08
N GLU B 155 -8.15 -3.34 -19.36
CA GLU B 155 -7.00 -4.15 -19.73
C GLU B 155 -7.16 -4.79 -21.10
N THR B 156 -8.34 -5.36 -21.38
CA THR B 156 -8.52 -5.95 -22.70
C THR B 156 -8.45 -4.88 -23.77
N LEU B 157 -9.06 -3.72 -23.50
CA LEU B 157 -9.03 -2.65 -24.49
C LEU B 157 -7.61 -2.19 -24.76
N VAL B 158 -6.77 -2.14 -23.73
CA VAL B 158 -5.43 -1.64 -23.97
C VAL B 158 -4.57 -2.69 -24.64
N THR B 159 -4.83 -3.97 -24.38
CA THR B 159 -4.15 -5.01 -25.15
C THR B 159 -4.58 -4.95 -26.61
N CYS B 160 -5.86 -4.68 -26.83
CA CYS B 160 -6.37 -4.49 -28.19
C CYS B 160 -5.70 -3.32 -28.88
N PHE B 161 -5.31 -2.29 -28.12
CA PHE B 161 -4.49 -1.24 -28.72
C PHE B 161 -3.09 -1.74 -29.00
N HIS B 162 -2.49 -2.40 -28.02
CA HIS B 162 -1.05 -2.65 -28.03
C HIS B 162 -0.65 -3.63 -29.11
N VAL B 163 -1.34 -4.78 -29.18
CA VAL B 163 -0.89 -5.85 -30.08
C VAL B 163 -0.80 -5.40 -31.54
N PRO B 164 -1.80 -4.74 -32.12
CA PRO B 164 -1.60 -4.22 -33.48
C PRO B 164 -0.48 -3.20 -33.57
N TYR B 165 -0.33 -2.38 -32.55
CA TYR B 165 0.75 -1.39 -32.56
C TYR B 165 2.10 -2.08 -32.59
N SER B 166 2.25 -3.17 -31.84
CA SER B 166 3.48 -3.93 -31.91
C SER B 166 3.65 -4.57 -33.28
N ALA B 167 2.56 -5.10 -33.85
CA ALA B 167 2.69 -5.81 -35.12
C ALA B 167 3.02 -4.87 -36.27
N LEU B 168 2.62 -3.60 -36.16
CA LEU B 168 2.73 -2.67 -37.27
C LEU B 168 4.17 -2.47 -37.74
N THR B 169 5.15 -2.86 -36.93
CA THR B 169 6.55 -2.65 -37.30
C THR B 169 6.91 -3.42 -38.56
N MET B 170 6.33 -4.60 -38.76
CA MET B 170 6.57 -5.34 -39.99
C MET B 170 6.10 -4.56 -41.20
N PHE B 171 4.87 -4.07 -41.15
CA PHE B 171 4.25 -3.42 -42.29
C PHE B 171 4.86 -2.05 -42.60
N ILE B 172 5.19 -1.28 -41.55
CA ILE B 172 5.44 0.16 -41.70
C ILE B 172 6.40 0.46 -42.85
N SER B 173 7.43 -0.36 -43.01
CA SER B 173 8.32 -0.22 -44.16
C SER B 173 9.00 -1.56 -44.39
N THR B 174 9.26 -1.84 -45.67
CA THR B 174 9.73 -3.17 -46.06
C THR B 174 11.20 -3.40 -45.72
N GLU B 175 12.06 -2.42 -45.94
CA GLU B 175 13.48 -2.65 -45.76
C GLU B 175 13.88 -2.71 -44.29
N GLN B 176 14.88 -3.55 -44.02
CA GLN B 176 15.28 -3.84 -42.65
C GLN B 176 15.86 -2.61 -41.97
N SER B 177 16.55 -1.75 -42.71
CA SER B 177 17.20 -0.60 -42.09
C SER B 177 16.16 0.32 -41.46
N GLU B 178 15.16 0.74 -42.24
CA GLU B 178 14.13 1.61 -41.70
C GLU B 178 13.27 0.87 -40.71
N ARG B 179 13.08 -0.44 -40.90
CA ARG B 179 12.34 -1.23 -39.94
C ARG B 179 12.99 -1.20 -38.56
N ASP B 180 14.30 -1.48 -38.52
CA ASP B 180 15.02 -1.48 -37.25
C ASP B 180 15.10 -0.09 -36.66
N SER B 181 15.25 0.93 -37.51
CA SER B 181 15.21 2.30 -37.01
C SER B 181 13.91 2.56 -36.28
N ALA B 182 12.79 2.26 -36.92
CA ALA B 182 11.50 2.54 -36.32
C ALA B 182 11.31 1.76 -35.02
N THR B 183 11.75 0.50 -34.98
CA THR B 183 11.53 -0.25 -33.75
C THR B 183 12.41 0.28 -32.61
N ALA B 184 13.66 0.66 -32.89
CA ALA B 184 14.47 1.23 -31.82
C ALA B 184 13.89 2.54 -31.31
N TYR B 185 13.34 3.35 -32.22
CA TYR B 185 12.68 4.58 -31.80
C TYR B 185 11.47 4.28 -30.92
N ARG B 186 10.66 3.30 -31.31
CA ARG B 186 9.52 2.93 -30.49
C ARG B 186 9.96 2.49 -29.10
N MET B 187 11.02 1.68 -29.01
CA MET B 187 11.45 1.20 -27.70
C MET B 187 11.97 2.32 -26.82
N THR B 188 12.75 3.24 -27.38
CA THR B 188 13.24 4.33 -26.53
C THR B 188 12.08 5.19 -26.05
N VAL B 189 11.08 5.41 -26.90
CA VAL B 189 9.96 6.22 -26.45
C VAL B 189 9.09 5.44 -25.47
N GLU B 190 9.10 4.11 -25.54
CA GLU B 190 8.33 3.32 -24.58
C GLU B 190 8.96 3.40 -23.20
N VAL B 191 10.28 3.25 -23.12
CA VAL B 191 10.92 3.32 -21.81
C VAL B 191 10.80 4.73 -21.25
N LEU B 192 10.87 5.74 -22.12
CA LEU B 192 10.61 7.09 -21.64
C LEU B 192 9.17 7.24 -21.19
N GLY B 193 8.25 6.44 -21.76
CA GLY B 193 6.89 6.42 -21.28
C GLY B 193 6.79 5.84 -19.88
N THR B 194 7.56 4.78 -19.62
CA THR B 194 7.66 4.26 -18.26
C THR B 194 8.05 5.35 -17.28
N VAL B 195 9.15 6.05 -17.61
CA VAL B 195 9.63 7.13 -16.75
C VAL B 195 8.55 8.17 -16.56
N LEU B 196 7.92 8.60 -17.66
CA LEU B 196 6.94 9.67 -17.60
C LEU B 196 5.77 9.28 -16.73
N GLY B 197 5.22 8.08 -16.95
CA GLY B 197 4.07 7.66 -16.17
C GLY B 197 4.36 7.59 -14.69
N THR B 198 5.46 6.93 -14.33
CA THR B 198 5.78 6.81 -12.91
C THR B 198 6.00 8.19 -12.29
N ALA B 199 6.74 9.05 -12.98
CA ALA B 199 7.06 10.37 -12.43
C ALA B 199 5.81 11.22 -12.27
N ILE B 200 4.96 11.26 -13.30
CA ILE B 200 3.77 12.10 -13.24
C ILE B 200 2.84 11.62 -12.14
N GLN B 201 2.59 10.31 -12.07
CA GLN B 201 1.69 9.83 -11.02
C GLN B 201 2.25 10.12 -9.64
N GLY B 202 3.54 9.87 -9.44
CA GLY B 202 4.12 10.11 -8.13
C GLY B 202 4.06 11.57 -7.72
N GLN B 203 4.49 12.46 -8.61
CA GLN B 203 4.50 13.87 -8.29
C GLN B 203 3.09 14.40 -8.04
N ILE B 204 2.12 14.01 -8.86
CA ILE B 204 0.79 14.58 -8.71
C ILE B 204 0.11 14.03 -7.45
N VAL B 205 0.22 12.73 -7.17
CA VAL B 205 -0.55 12.15 -6.10
C VAL B 205 0.20 12.15 -4.79
N GLY B 206 1.46 12.59 -4.79
CA GLY B 206 2.27 12.53 -3.59
C GLY B 206 3.14 11.27 -3.58
N GLN B 207 4.04 11.26 -2.60
CA GLN B 207 5.10 10.27 -2.51
C GLN B 207 4.60 8.85 -2.67
N ALA B 208 5.09 8.18 -3.72
CA ALA B 208 4.71 6.81 -4.06
C ALA B 208 5.60 5.86 -3.27
N ASP B 209 5.30 5.70 -1.99
CA ASP B 209 6.11 4.84 -1.13
C ASP B 209 5.27 3.71 -0.57
N THR B 210 5.96 2.62 -0.26
CA THR B 210 5.30 1.52 0.40
C THR B 210 4.87 2.01 1.79
N PRO B 211 3.62 1.82 2.18
CA PRO B 211 3.19 2.28 3.49
C PRO B 211 3.77 1.40 4.58
N CYS B 212 3.92 1.97 5.76
CA CYS B 212 4.64 1.29 6.81
C CYS B 212 3.86 1.53 8.11
N PHE B 213 4.02 0.63 9.06
CA PHE B 213 3.34 0.76 10.34
C PHE B 213 4.36 1.07 11.43
N GLN B 214 4.44 2.34 11.81
CA GLN B 214 5.46 2.82 12.72
C GLN B 214 5.53 1.97 13.99
N ASP B 215 6.76 1.67 14.41
CA ASP B 215 6.95 0.81 15.55
C ASP B 215 6.56 1.51 16.85
N LEU B 216 6.03 0.72 17.78
CA LEU B 216 5.63 1.22 19.08
C LEU B 216 6.41 0.45 20.14
N ASN B 217 7.05 1.18 21.05
CA ASN B 217 7.87 0.56 22.07
C ASN B 217 7.80 1.33 23.39
N THR B 233 -5.40 17.62 3.75
CA THR B 233 -5.35 16.17 3.67
C THR B 233 -6.71 15.56 3.99
N SER B 234 -7.63 15.66 3.04
CA SER B 234 -8.97 15.12 3.20
C SER B 234 -9.23 14.06 2.14
N HIS B 235 -10.13 13.14 2.48
CA HIS B 235 -10.44 12.03 1.59
C HIS B 235 -10.89 12.52 0.22
N ARG B 236 -11.79 13.49 0.19
CA ARG B 236 -12.22 13.99 -1.12
C ARG B 236 -11.08 14.70 -1.83
N GLU B 237 -10.14 15.28 -1.09
CA GLU B 237 -9.03 15.96 -1.73
C GLU B 237 -8.09 14.97 -2.39
N THR B 238 -7.78 13.86 -1.71
CA THR B 238 -6.89 12.88 -2.33
C THR B 238 -7.61 12.12 -3.44
N GLN B 239 -8.92 11.92 -3.31
CA GLN B 239 -9.69 11.36 -4.41
C GLN B 239 -9.61 12.27 -5.63
N ASN B 240 -9.78 13.58 -5.43
CA ASN B 240 -9.64 14.51 -6.54
C ASN B 240 -8.23 14.49 -7.09
N ALA B 241 -7.23 14.23 -6.26
CA ALA B 241 -5.87 14.11 -6.76
C ALA B 241 -5.73 12.94 -7.72
N TYR B 242 -6.25 11.78 -7.32
CA TYR B 242 -6.20 10.62 -8.21
C TYR B 242 -6.98 10.90 -9.48
N LEU B 243 -8.09 11.62 -9.38
CA LEU B 243 -8.87 11.92 -10.57
C LEU B 243 -8.10 12.83 -11.52
N LEU B 244 -7.38 13.81 -10.97
CA LEU B 244 -6.56 14.67 -11.80
C LEU B 244 -5.48 13.86 -12.50
N ALA B 245 -4.89 12.91 -11.79
CA ALA B 245 -3.88 12.04 -12.41
C ALA B 245 -4.48 11.23 -13.55
N ALA B 246 -5.66 10.66 -13.31
CA ALA B 246 -6.35 9.91 -14.35
C ALA B 246 -6.62 10.78 -15.56
N GLY B 247 -7.02 12.03 -15.33
CA GLY B 247 -7.35 12.90 -16.44
C GLY B 247 -6.13 13.28 -17.27
N VAL B 248 -5.02 13.60 -16.61
CA VAL B 248 -3.85 13.99 -17.38
C VAL B 248 -3.27 12.79 -18.12
N ILE B 249 -3.30 11.61 -17.51
CA ILE B 249 -2.78 10.45 -18.20
C ILE B 249 -3.69 10.07 -19.37
N ALA B 250 -4.99 10.25 -19.21
CA ALA B 250 -5.91 10.00 -20.31
C ALA B 250 -5.68 10.97 -21.45
N SER B 251 -5.40 12.24 -21.13
CA SER B 251 -5.13 13.21 -22.18
C SER B 251 -3.84 12.87 -22.91
N ILE B 252 -2.84 12.39 -22.17
CA ILE B 252 -1.60 11.94 -22.83
C ILE B 252 -1.90 10.78 -23.77
N TYR B 253 -2.71 9.83 -23.31
CA TYR B 253 -3.08 8.70 -24.16
C TYR B 253 -3.75 9.17 -25.45
N VAL B 254 -4.72 10.07 -25.32
CA VAL B 254 -5.47 10.50 -26.51
C VAL B 254 -4.56 11.24 -27.47
N ILE B 255 -3.75 12.16 -26.97
CA ILE B 255 -2.91 12.93 -27.88
C ILE B 255 -1.87 12.04 -28.53
N CYS B 256 -1.36 11.04 -27.81
CA CYS B 256 -0.39 10.13 -28.38
C CYS B 256 -1.02 9.29 -29.49
N ALA B 257 -2.22 8.75 -29.22
CA ALA B 257 -2.86 7.93 -30.23
C ALA B 257 -3.18 8.72 -31.48
N VAL B 258 -3.67 9.95 -31.33
CA VAL B 258 -4.02 10.72 -32.53
C VAL B 258 -2.77 11.09 -33.32
N ILE B 259 -1.70 11.53 -32.64
CA ILE B 259 -0.50 11.90 -33.39
C ILE B 259 0.09 10.68 -34.09
N LEU B 260 0.01 9.52 -33.44
CA LEU B 260 0.47 8.29 -34.08
C LEU B 260 -0.35 7.98 -35.33
N THR B 261 -1.68 7.98 -35.19
CA THR B 261 -2.54 7.64 -36.31
C THR B 261 -2.42 8.63 -37.47
N LEU B 262 -2.01 9.88 -37.17
CA LEU B 262 -2.02 10.89 -38.22
C LEU B 262 -1.02 10.60 -39.33
N GLY B 263 0.09 9.92 -39.04
CA GLY B 263 1.06 9.80 -40.10
C GLY B 263 1.59 8.46 -40.58
N VAL B 264 1.30 7.34 -39.91
CA VAL B 264 2.02 6.12 -40.27
C VAL B 264 1.58 5.61 -41.63
N ARG B 265 0.28 5.64 -41.92
CA ARG B 265 -0.28 5.27 -43.22
C ARG B 265 0.33 3.98 -43.76
N GLU B 266 0.16 2.90 -42.98
CA GLU B 266 0.77 1.60 -43.31
C GLU B 266 0.57 1.23 -44.77
N GLN B 267 1.58 0.59 -45.35
CA GLN B 267 1.51 0.17 -46.74
C GLN B 267 0.92 -1.22 -46.83
N ARG B 268 -0.02 -1.40 -47.76
CA ARG B 268 -0.70 -2.67 -47.92
C ARG B 268 0.26 -3.72 -48.50
N GLU B 269 -0.09 -4.98 -48.30
CA GLU B 269 0.75 -6.06 -48.79
C GLU B 269 0.79 -6.06 -50.31
N PRO B 270 1.96 -6.31 -50.90
CA PRO B 270 2.02 -6.52 -52.36
C PRO B 270 1.32 -7.83 -52.73
N TYR B 271 1.23 -8.06 -54.04
CA TYR B 271 0.60 -9.28 -54.54
C TYR B 271 1.29 -10.50 -53.96
N GLU B 272 0.52 -11.41 -53.38
CA GLU B 272 1.06 -12.53 -52.64
C GLU B 272 0.93 -13.82 -53.45
N ALA B 273 1.91 -14.71 -53.27
CA ALA B 273 1.97 -15.93 -54.07
C ALA B 273 0.78 -16.85 -53.81
N GLN B 274 0.25 -16.85 -52.58
CA GLN B 274 -0.92 -17.63 -52.22
C GLN B 274 -1.90 -16.68 -51.54
N GLN B 275 -2.77 -16.07 -52.35
CA GLN B 275 -3.74 -15.13 -51.82
C GLN B 275 -4.98 -15.84 -51.25
N SER B 276 -5.33 -16.99 -51.78
CA SER B 276 -6.46 -17.77 -51.29
C SER B 276 -6.00 -18.89 -50.37
N GLU B 277 -6.98 -19.52 -49.73
CA GLU B 277 -6.83 -20.60 -48.76
C GLU B 277 -5.91 -20.27 -47.58
N PRO B 278 -6.10 -19.13 -46.86
CA PRO B 278 -5.45 -19.00 -45.55
C PRO B 278 -6.38 -19.37 -44.40
N MET B 279 -5.87 -20.06 -43.39
CA MET B 279 -6.64 -20.48 -42.23
C MET B 279 -6.03 -19.86 -40.97
N SER B 280 -6.82 -19.02 -40.29
CA SER B 280 -6.33 -18.27 -39.14
C SER B 280 -6.37 -19.06 -37.83
N PHE B 281 -7.35 -19.95 -37.64
CA PHE B 281 -7.50 -20.61 -36.34
C PHE B 281 -6.38 -21.60 -36.09
N PHE B 282 -6.03 -22.41 -37.08
CA PHE B 282 -5.13 -23.52 -36.83
C PHE B 282 -3.83 -23.42 -37.60
N ARG B 283 -3.89 -23.14 -38.90
CA ARG B 283 -2.70 -23.23 -39.75
C ARG B 283 -1.58 -22.31 -39.25
N GLY B 284 -1.93 -21.12 -38.78
CA GLY B 284 -0.91 -20.21 -38.29
C GLY B 284 -0.18 -20.74 -37.09
N LEU B 285 -0.94 -21.17 -36.07
CA LEU B 285 -0.35 -21.78 -34.88
C LEU B 285 0.52 -22.99 -35.22
N ARG B 286 -0.05 -23.95 -35.95
CA ARG B 286 0.72 -25.13 -36.36
C ARG B 286 2.04 -24.76 -37.02
N LEU B 287 2.02 -23.85 -38.02
CA LEU B 287 3.28 -23.51 -38.68
C LEU B 287 4.23 -22.75 -37.77
N VAL B 288 3.72 -21.93 -36.85
CA VAL B 288 4.62 -21.24 -35.93
C VAL B 288 5.27 -22.23 -35.00
N MET B 289 4.53 -23.24 -34.57
CA MET B 289 5.12 -24.30 -33.77
C MET B 289 6.15 -25.08 -34.59
N SER B 290 5.85 -25.33 -35.87
CA SER B 290 6.81 -26.01 -36.72
C SER B 290 8.11 -25.23 -36.82
N HIS B 291 8.03 -23.90 -36.74
CA HIS B 291 9.20 -23.05 -36.86
C HIS B 291 9.98 -23.08 -35.55
N GLY B 292 11.29 -23.23 -35.64
CA GLY B 292 12.07 -23.39 -34.42
C GLY B 292 12.88 -22.22 -33.88
N PRO B 293 13.36 -21.31 -34.74
CA PRO B 293 14.12 -20.19 -34.17
C PRO B 293 13.25 -19.25 -33.37
N TYR B 294 11.99 -19.07 -33.77
CA TYR B 294 11.09 -18.23 -32.99
C TYR B 294 10.98 -18.73 -31.55
N ILE B 295 10.70 -20.02 -31.38
CA ILE B 295 10.65 -20.57 -30.03
C ILE B 295 12.01 -20.47 -29.33
N LYS B 296 13.11 -20.67 -30.06
CA LYS B 296 14.40 -20.51 -29.41
C LYS B 296 14.59 -19.08 -28.90
N LEU B 297 14.15 -18.11 -29.69
CA LEU B 297 14.27 -16.71 -29.29
C LEU B 297 13.43 -16.42 -28.06
N ILE B 298 12.16 -16.82 -28.08
CA ILE B 298 11.30 -16.52 -26.93
C ILE B 298 11.79 -17.25 -25.69
N ALA B 299 12.31 -18.48 -25.85
CA ALA B 299 12.86 -19.20 -24.73
C ALA B 299 14.03 -18.44 -24.12
N GLY B 300 14.92 -17.93 -24.96
CA GLY B 300 16.05 -17.19 -24.44
C GLY B 300 15.62 -15.88 -23.80
N PHE B 301 14.60 -15.24 -24.37
CA PHE B 301 14.16 -13.93 -23.89
C PHE B 301 13.39 -14.04 -22.58
N LEU B 302 12.74 -15.18 -22.36
CA LEU B 302 11.90 -15.33 -21.18
C LEU B 302 12.71 -15.20 -19.90
N PHE B 303 13.88 -15.84 -19.85
CA PHE B 303 14.67 -15.82 -18.62
C PHE B 303 15.15 -14.41 -18.31
N THR B 304 15.68 -13.73 -19.33
CA THR B 304 16.18 -12.37 -19.13
C THR B 304 15.06 -11.45 -18.67
N SER B 305 13.93 -11.49 -19.36
CA SER B 305 12.84 -10.60 -19.01
C SER B 305 12.31 -10.90 -17.62
N LEU B 306 12.20 -12.19 -17.28
CA LEU B 306 11.72 -12.57 -15.96
C LEU B 306 12.65 -12.04 -14.87
N ALA B 307 13.95 -12.18 -15.08
CA ALA B 307 14.89 -11.72 -14.07
C ALA B 307 14.79 -10.22 -13.87
N PHE B 308 14.71 -9.47 -14.96
CA PHE B 308 14.73 -8.03 -14.81
C PHE B 308 13.41 -7.49 -14.25
N MET B 309 12.29 -8.10 -14.61
CA MET B 309 11.02 -7.70 -14.01
C MET B 309 10.94 -8.08 -12.55
N LEU B 310 11.45 -9.27 -12.18
CA LEU B 310 11.58 -9.63 -10.78
C LEU B 310 12.34 -8.56 -10.02
N VAL B 311 13.46 -8.11 -10.59
CA VAL B 311 14.25 -7.04 -9.97
C VAL B 311 13.39 -5.80 -9.78
N GLU B 312 12.81 -5.30 -10.88
CA GLU B 312 12.07 -4.05 -10.82
C GLU B 312 10.88 -4.15 -9.86
N GLY B 313 10.32 -5.33 -9.70
CA GLY B 313 9.18 -5.49 -8.83
C GLY B 313 9.57 -5.48 -7.36
N ASN B 314 10.50 -6.34 -6.99
CA ASN B 314 10.81 -6.49 -5.57
C ASN B 314 11.75 -5.41 -5.03
N PHE B 315 12.44 -4.67 -5.90
CA PHE B 315 13.26 -3.58 -5.39
C PHE B 315 12.45 -2.56 -4.61
N ALA B 316 11.16 -2.39 -4.95
CA ALA B 316 10.32 -1.40 -4.29
C ALA B 316 10.31 -1.59 -2.77
N LEU B 317 10.36 -2.83 -2.31
CA LEU B 317 10.43 -3.12 -0.89
C LEU B 317 11.85 -3.40 -0.43
N PHE B 318 12.73 -3.79 -1.34
CA PHE B 318 14.12 -3.98 -0.95
C PHE B 318 14.72 -2.67 -0.49
N CYS B 319 14.39 -1.58 -1.19
CA CYS B 319 14.98 -0.28 -0.92
C CYS B 319 14.70 0.18 0.51
N THR B 320 13.56 -0.21 1.07
CA THR B 320 13.33 0.19 2.44
C THR B 320 13.80 -0.88 3.42
N TYR B 321 13.34 -2.13 3.25
CA TYR B 321 13.54 -3.10 4.31
C TYR B 321 14.98 -3.58 4.40
N THR B 322 15.65 -3.81 3.28
CA THR B 322 16.90 -4.55 3.30
C THR B 322 18.00 -3.73 2.66
N LEU B 323 19.04 -3.44 3.44
CA LEU B 323 20.19 -2.67 2.98
C LEU B 323 19.77 -1.29 2.50
N GLY B 324 18.67 -0.80 3.04
CA GLY B 324 18.19 0.49 2.59
C GLY B 324 18.41 1.56 3.62
N PHE B 325 19.20 2.56 3.25
CA PHE B 325 19.47 3.71 4.10
C PHE B 325 18.43 4.80 3.91
N ARG B 326 17.50 4.61 2.99
CA ARG B 326 16.46 5.60 2.76
C ARG B 326 15.11 4.91 2.83
N ASN B 327 14.20 5.49 3.60
CA ASN B 327 12.84 4.96 3.69
C ASN B 327 12.05 5.30 2.45
N GLU B 328 12.55 6.24 1.66
CA GLU B 328 11.94 6.61 0.38
C GLU B 328 12.90 6.29 -0.75
N PHE B 329 12.36 5.71 -1.83
CA PHE B 329 13.18 5.45 -3.00
C PHE B 329 13.69 6.76 -3.59
N GLN B 330 12.91 7.82 -3.45
CA GLN B 330 13.20 9.18 -3.91
C GLN B 330 13.81 9.22 -5.30
N ASN B 331 12.98 8.89 -6.30
CA ASN B 331 13.33 9.01 -7.71
C ASN B 331 14.41 8.05 -8.14
N LEU B 332 14.79 7.06 -7.32
CA LEU B 332 15.82 6.13 -7.74
C LEU B 332 15.36 5.32 -8.94
N LEU B 333 14.11 4.86 -8.90
CA LEU B 333 13.58 4.13 -10.05
C LEU B 333 13.52 5.02 -11.27
N LEU B 334 13.14 6.28 -11.06
CA LEU B 334 13.14 7.23 -12.17
C LEU B 334 14.54 7.40 -12.74
N ALA B 335 15.54 7.45 -11.88
CA ALA B 335 16.93 7.58 -12.32
C ALA B 335 17.34 6.39 -13.18
N ILE B 336 17.05 5.18 -12.72
CA ILE B 336 17.52 4.02 -13.46
C ILE B 336 16.77 3.91 -14.78
N MET B 337 15.47 4.18 -14.78
CA MET B 337 14.73 4.06 -16.03
C MET B 337 15.10 5.17 -17.01
N LEU B 338 15.36 6.38 -16.52
CA LEU B 338 15.80 7.45 -17.42
C LEU B 338 17.17 7.12 -18.01
N SER B 339 18.05 6.54 -17.20
CA SER B 339 19.34 6.11 -17.73
C SER B 339 19.15 5.09 -18.83
N ALA B 340 18.18 4.18 -18.66
CA ALA B 340 17.88 3.22 -19.71
C ALA B 340 17.39 3.92 -20.97
N THR B 341 16.51 4.90 -20.81
CA THR B 341 15.99 5.62 -21.97
C THR B 341 17.11 6.33 -22.71
N LEU B 342 18.06 6.88 -21.98
CA LEU B 342 19.20 7.51 -22.64
C LEU B 342 20.06 6.47 -23.33
N THR B 343 20.19 5.29 -22.73
CA THR B 343 21.10 4.27 -23.24
C THR B 343 20.61 3.69 -24.57
N ILE B 344 19.31 3.46 -24.69
CA ILE B 344 18.78 2.66 -25.80
C ILE B 344 19.27 3.06 -27.19
N PRO B 345 19.37 4.36 -27.54
CA PRO B 345 19.98 4.69 -28.84
C PRO B 345 21.42 4.23 -28.96
N ILE B 346 22.16 4.25 -27.85
CA ILE B 346 23.53 3.75 -27.91
C ILE B 346 23.52 2.28 -28.27
N TRP B 347 22.55 1.51 -27.75
CA TRP B 347 22.48 0.11 -28.13
C TRP B 347 22.07 -0.07 -29.58
N GLN B 348 21.17 0.76 -30.09
CA GLN B 348 20.85 0.69 -31.52
C GLN B 348 22.09 0.90 -32.36
N TRP B 349 22.86 1.95 -32.07
CA TRP B 349 24.07 2.17 -32.85
C TRP B 349 25.07 1.05 -32.63
N PHE B 350 25.13 0.52 -31.41
CA PHE B 350 26.01 -0.58 -31.10
C PHE B 350 25.67 -1.79 -31.95
N LEU B 351 24.37 -2.07 -32.13
CA LEU B 351 24.01 -3.18 -32.99
C LEU B 351 24.24 -2.86 -34.45
N THR B 352 24.34 -1.59 -34.78
CA THR B 352 24.81 -1.25 -36.12
C THR B 352 26.24 -1.75 -36.26
N ARG B 353 27.08 -1.44 -35.25
CA ARG B 353 28.49 -1.85 -35.18
C ARG B 353 28.61 -3.26 -34.58
N PHE B 354 28.41 -4.26 -35.44
CA PHE B 354 28.52 -5.69 -35.12
C PHE B 354 27.62 -6.16 -33.98
N GLY B 355 26.33 -5.86 -34.09
CA GLY B 355 25.34 -6.18 -33.08
C GLY B 355 24.57 -7.47 -33.27
N LYS B 356 25.10 -8.34 -34.13
CA LYS B 356 24.49 -9.63 -34.42
C LYS B 356 24.06 -10.38 -33.16
N LYS B 357 25.00 -10.71 -32.30
CA LYS B 357 24.66 -11.30 -31.01
C LYS B 357 25.48 -10.67 -29.90
N THR B 358 26.49 -9.89 -30.26
CA THR B 358 27.32 -9.20 -29.28
C THR B 358 26.47 -8.27 -28.45
N ALA B 359 25.49 -7.62 -29.07
CA ALA B 359 24.66 -6.68 -28.33
C ALA B 359 23.93 -7.37 -27.19
N VAL B 360 23.40 -8.56 -27.44
CA VAL B 360 22.67 -9.21 -26.36
C VAL B 360 23.62 -9.78 -25.33
N TYR B 361 24.76 -10.31 -25.79
CA TYR B 361 25.77 -10.80 -24.85
C TYR B 361 26.20 -9.71 -23.87
N VAL B 362 26.69 -8.58 -24.40
CA VAL B 362 27.18 -7.51 -23.54
C VAL B 362 26.04 -6.91 -22.74
N GLY B 363 24.84 -6.83 -23.31
CA GLY B 363 23.73 -6.22 -22.61
C GLY B 363 23.35 -7.00 -21.36
N ILE B 364 23.22 -8.31 -21.50
CA ILE B 364 22.87 -9.11 -20.33
C ILE B 364 24.05 -9.22 -19.38
N SER B 365 25.27 -9.35 -19.91
CA SER B 365 26.41 -9.59 -19.03
C SER B 365 26.79 -8.34 -18.23
N SER B 366 26.52 -7.14 -18.75
CA SER B 366 26.88 -5.94 -18.01
C SER B 366 26.16 -5.83 -16.68
N ALA B 367 24.99 -6.47 -16.56
CA ALA B 367 24.28 -6.44 -15.29
C ALA B 367 25.03 -7.20 -14.22
N VAL B 368 25.68 -8.30 -14.58
CA VAL B 368 26.25 -9.24 -13.62
C VAL B 368 27.20 -8.56 -12.63
N PRO B 369 28.27 -7.89 -13.06
CA PRO B 369 29.21 -7.39 -12.05
C PRO B 369 28.65 -6.25 -11.21
N PHE B 370 27.97 -5.30 -11.84
CA PHE B 370 27.46 -4.16 -11.09
C PHE B 370 26.36 -4.59 -10.13
N LEU B 371 25.45 -5.44 -10.58
CA LEU B 371 24.42 -5.92 -9.68
C LEU B 371 25.03 -6.76 -8.57
N ILE B 372 25.95 -7.67 -8.91
CA ILE B 372 26.57 -8.49 -7.89
C ILE B 372 27.46 -7.69 -6.95
N LEU B 373 27.75 -6.41 -7.27
CA LEU B 373 28.50 -5.59 -6.32
C LEU B 373 27.81 -5.48 -4.96
N VAL B 374 26.55 -5.92 -4.85
CA VAL B 374 25.96 -6.10 -3.55
C VAL B 374 26.61 -7.23 -2.79
N ALA B 375 27.37 -8.11 -3.46
CA ALA B 375 28.11 -9.12 -2.71
C ALA B 375 29.12 -8.48 -1.78
N LEU B 376 29.77 -7.39 -2.21
CA LEU B 376 30.63 -6.65 -1.30
C LEU B 376 29.80 -6.08 -0.14
N MET B 377 28.59 -5.59 -0.45
CA MET B 377 27.45 -5.28 0.42
C MET B 377 27.71 -4.15 1.39
N GLU B 378 28.95 -3.69 1.48
CA GLU B 378 29.25 -2.56 2.34
C GLU B 378 28.58 -1.34 1.69
N SER B 379 27.64 -0.71 2.42
CA SER B 379 26.72 0.27 1.85
C SER B 379 27.40 1.61 1.61
N ASN B 380 27.16 2.19 0.44
CA ASN B 380 27.57 3.55 0.17
C ASN B 380 26.55 4.05 -0.85
N LEU B 381 25.79 5.09 -0.51
CA LEU B 381 24.57 5.40 -1.26
C LEU B 381 24.88 5.92 -2.66
N ILE B 382 25.89 6.77 -2.81
CA ILE B 382 26.18 7.34 -4.13
C ILE B 382 26.64 6.26 -5.11
N VAL B 383 27.55 5.37 -4.69
CA VAL B 383 27.95 4.28 -5.58
C VAL B 383 26.76 3.37 -5.85
N THR B 384 25.88 3.19 -4.86
CA THR B 384 24.67 2.40 -5.08
C THR B 384 23.83 3.02 -6.20
N TYR B 385 23.70 4.35 -6.19
CA TYR B 385 23.08 5.05 -7.30
C TYR B 385 23.78 4.72 -8.61
N VAL B 386 25.11 4.69 -8.58
CA VAL B 386 25.87 4.37 -9.78
C VAL B 386 25.54 2.96 -10.26
N VAL B 387 25.39 2.02 -9.33
CA VAL B 387 24.97 0.66 -9.64
C VAL B 387 23.60 0.70 -10.31
N ALA B 388 22.70 1.53 -9.80
CA ALA B 388 21.38 1.68 -10.42
C ALA B 388 21.49 2.16 -11.85
N VAL B 389 22.42 3.08 -12.12
CA VAL B 389 22.61 3.55 -13.49
C VAL B 389 23.11 2.43 -14.40
N ALA B 390 24.18 1.75 -13.98
CA ALA B 390 24.63 0.53 -14.63
C ALA B 390 23.49 -0.42 -14.97
N ALA B 391 22.66 -0.74 -13.99
CA ALA B 391 21.52 -1.60 -14.23
C ALA B 391 20.56 -0.96 -15.22
N GLY B 392 20.51 0.38 -15.26
CA GLY B 392 19.70 1.05 -16.26
C GLY B 392 20.16 0.73 -17.67
N ILE B 393 21.47 0.79 -17.91
CA ILE B 393 21.92 0.51 -19.28
C ILE B 393 21.74 -0.98 -19.59
N SER B 394 21.86 -1.83 -18.57
CA SER B 394 21.64 -3.26 -18.79
C SER B 394 20.20 -3.55 -19.16
N VAL B 395 19.23 -2.97 -18.42
CA VAL B 395 17.85 -3.21 -18.76
C VAL B 395 17.45 -2.48 -20.03
N ALA B 396 18.16 -1.43 -20.41
CA ALA B 396 17.92 -0.83 -21.71
C ALA B 396 18.24 -1.82 -22.82
N ALA B 397 19.36 -2.51 -22.70
CA ALA B 397 19.67 -3.56 -23.69
C ALA B 397 18.65 -4.67 -23.63
N ALA B 398 18.26 -5.07 -22.42
CA ALA B 398 17.28 -6.15 -22.26
C ALA B 398 15.94 -5.80 -22.90
N PHE B 399 15.55 -4.53 -22.85
CA PHE B 399 14.30 -4.13 -23.48
C PHE B 399 14.44 -4.04 -24.99
N LEU B 400 15.53 -3.43 -25.47
CA LEU B 400 15.60 -3.13 -26.90
C LEU B 400 15.97 -4.33 -27.76
N LEU B 401 16.82 -5.22 -27.27
CA LEU B 401 17.33 -6.19 -28.23
C LEU B 401 16.34 -7.28 -28.62
N PRO B 402 15.83 -8.10 -27.70
CA PRO B 402 15.08 -9.27 -28.15
C PRO B 402 13.74 -8.91 -28.71
N TRP B 403 13.16 -7.80 -28.25
CA TRP B 403 11.87 -7.37 -28.75
C TRP B 403 11.96 -6.94 -30.21
N SER B 404 13.08 -6.36 -30.60
CA SER B 404 13.26 -5.90 -31.96
C SER B 404 14.07 -6.86 -32.82
N MET B 405 14.54 -7.97 -32.25
CA MET B 405 15.14 -8.99 -33.11
C MET B 405 14.09 -9.73 -33.91
N LEU B 406 12.86 -9.76 -33.39
CA LEU B 406 11.82 -10.62 -33.95
C LEU B 406 11.51 -10.42 -35.44
N PRO B 407 11.61 -9.21 -36.03
CA PRO B 407 11.31 -9.11 -37.46
C PRO B 407 12.22 -9.96 -38.32
N ASP B 408 13.47 -10.17 -37.90
CA ASP B 408 14.34 -11.06 -38.65
C ASP B 408 13.83 -12.49 -38.63
N VAL B 409 13.39 -12.95 -37.46
CA VAL B 409 12.76 -14.26 -37.35
C VAL B 409 11.56 -14.36 -38.27
N ILE B 410 10.74 -13.30 -38.30
CA ILE B 410 9.54 -13.38 -39.13
C ILE B 410 9.88 -13.35 -40.61
N ASP B 411 10.98 -12.69 -40.98
CA ASP B 411 11.41 -12.75 -42.38
C ASP B 411 11.89 -14.15 -42.72
N ASP B 412 12.69 -14.75 -41.84
CA ASP B 412 13.22 -16.07 -42.12
C ASP B 412 12.09 -17.08 -42.26
N PHE B 413 11.09 -16.99 -41.40
CA PHE B 413 9.93 -17.86 -41.56
C PHE B 413 9.16 -17.54 -42.83
N HIS B 414 9.06 -16.26 -43.18
CA HIS B 414 8.24 -15.84 -44.31
C HIS B 414 8.80 -16.38 -45.61
N LEU B 415 10.11 -16.26 -45.81
CA LEU B 415 10.68 -16.82 -47.03
C LEU B 415 10.86 -18.32 -46.98
N LYS B 416 10.94 -18.91 -45.78
CA LYS B 416 11.10 -20.36 -45.70
C LYS B 416 9.87 -21.05 -46.27
N GLN B 417 8.69 -20.62 -45.85
CA GLN B 417 7.46 -21.13 -46.43
C GLN B 417 6.75 -19.97 -47.11
N PRO B 418 6.62 -19.97 -48.43
CA PRO B 418 6.05 -18.83 -49.14
C PRO B 418 4.56 -18.63 -48.94
N HIS B 419 3.81 -19.70 -49.19
CA HIS B 419 2.37 -19.59 -49.38
C HIS B 419 1.65 -19.13 -48.12
N SER B 420 2.20 -19.41 -46.96
CA SER B 420 1.59 -18.98 -45.70
C SER B 420 1.66 -17.47 -45.60
N HIS B 421 0.52 -16.81 -45.51
CA HIS B 421 0.47 -15.36 -45.50
C HIS B 421 -0.40 -14.86 -44.36
N GLY B 422 -0.21 -13.58 -44.04
CA GLY B 422 -1.01 -12.89 -43.04
C GLY B 422 -0.84 -13.40 -41.63
N THR B 423 0.23 -14.15 -41.35
CA THR B 423 0.42 -14.75 -40.04
C THR B 423 1.25 -13.88 -39.11
N GLU B 424 1.55 -12.65 -39.52
CA GLU B 424 2.44 -11.81 -38.72
C GLU B 424 1.92 -11.53 -37.31
N PRO B 425 0.66 -11.14 -37.09
CA PRO B 425 0.24 -10.76 -35.73
C PRO B 425 0.33 -11.88 -34.72
N ILE B 426 0.37 -13.14 -35.17
CA ILE B 426 0.46 -14.26 -34.23
C ILE B 426 1.77 -14.18 -33.44
N PHE B 427 2.86 -13.86 -34.13
CA PHE B 427 4.16 -13.77 -33.48
C PHE B 427 4.13 -12.72 -32.38
N PHE B 428 3.68 -11.51 -32.72
CA PHE B 428 3.68 -10.42 -31.75
C PHE B 428 2.73 -10.71 -30.60
N SER B 429 1.55 -11.28 -30.91
CA SER B 429 0.58 -11.57 -29.87
C SER B 429 1.13 -12.58 -28.88
N PHE B 430 1.71 -13.66 -29.39
CA PHE B 430 2.23 -14.66 -28.47
C PHE B 430 3.46 -14.14 -27.74
N TYR B 431 4.19 -13.21 -28.35
CA TYR B 431 5.36 -12.67 -27.66
C TYR B 431 4.96 -11.82 -26.49
N VAL B 432 4.01 -10.90 -26.69
CA VAL B 432 3.56 -10.08 -25.58
C VAL B 432 2.83 -10.95 -24.55
N PHE B 433 2.17 -12.01 -25.00
CA PHE B 433 1.57 -12.95 -24.06
C PHE B 433 2.63 -13.58 -23.17
N PHE B 434 3.77 -13.97 -23.75
CA PHE B 434 4.80 -14.59 -22.92
C PHE B 434 5.47 -13.58 -22.00
N THR B 435 5.52 -12.31 -22.41
CA THR B 435 5.98 -11.27 -21.48
C THR B 435 5.05 -11.19 -20.27
N LYS B 436 3.74 -11.14 -20.52
CA LYS B 436 2.79 -11.08 -19.41
C LYS B 436 2.88 -12.34 -18.56
N PHE B 437 3.13 -13.49 -19.20
CA PHE B 437 3.27 -14.72 -18.45
C PHE B 437 4.49 -14.67 -17.55
N ALA B 438 5.58 -14.08 -18.04
CA ALA B 438 6.76 -13.87 -17.22
C ALA B 438 6.43 -12.97 -16.03
N SER B 439 5.62 -11.94 -16.26
CA SER B 439 5.20 -11.08 -15.15
C SER B 439 4.45 -11.89 -14.11
N GLY B 440 3.55 -12.76 -14.56
CA GLY B 440 2.78 -13.56 -13.63
C GLY B 440 3.67 -14.47 -12.81
N VAL B 441 4.61 -15.16 -13.47
CA VAL B 441 5.44 -16.11 -12.73
C VAL B 441 6.42 -15.39 -11.82
N SER B 442 6.86 -14.18 -12.21
CA SER B 442 7.73 -13.42 -11.34
C SER B 442 7.01 -13.00 -10.07
N LEU B 443 5.80 -12.46 -10.22
CA LEU B 443 5.03 -12.10 -9.02
C LEU B 443 4.75 -13.33 -8.17
N GLY B 444 4.47 -14.47 -8.82
CA GLY B 444 4.19 -15.66 -8.06
C GLY B 444 5.37 -16.13 -7.24
N ILE B 445 6.55 -16.20 -7.86
CA ILE B 445 7.73 -16.65 -7.11
C ILE B 445 8.07 -15.66 -6.01
N SER B 446 7.91 -14.36 -6.27
CA SER B 446 8.21 -13.35 -5.26
C SER B 446 7.31 -13.51 -4.04
N THR B 447 6.00 -13.57 -4.28
CA THR B 447 5.07 -13.69 -3.17
C THR B 447 5.26 -15.01 -2.43
N LEU B 448 5.50 -16.10 -3.17
CA LEU B 448 5.64 -17.38 -2.51
C LEU B 448 6.88 -17.40 -1.63
N SER B 449 8.00 -16.88 -2.13
CA SER B 449 9.21 -16.86 -1.33
C SER B 449 9.06 -15.98 -0.10
N LEU B 450 8.48 -14.78 -0.27
CA LEU B 450 8.30 -13.90 0.87
C LEU B 450 7.38 -14.52 1.91
N ASP B 451 6.28 -15.14 1.47
CA ASP B 451 5.38 -15.81 2.41
C ASP B 451 6.10 -16.91 3.16
N PHE B 452 6.84 -17.75 2.42
CA PHE B 452 7.48 -18.90 3.02
C PHE B 452 8.63 -18.51 3.95
N ALA B 453 9.23 -17.34 3.75
CA ALA B 453 10.29 -16.87 4.65
C ALA B 453 9.99 -15.44 5.07
N GLY B 454 9.59 -15.24 6.32
CA GLY B 454 9.40 -13.90 6.83
C GLY B 454 8.14 -13.24 6.32
N TYR B 455 8.01 -11.94 6.62
CA TYR B 455 6.89 -11.10 6.17
C TYR B 455 5.55 -11.71 6.55
N GLN B 456 5.46 -12.20 7.78
CA GLN B 456 4.18 -12.67 8.27
C GLN B 456 3.18 -11.53 8.39
N THR B 457 3.64 -10.35 8.80
CA THR B 457 2.80 -9.17 8.87
C THR B 457 3.52 -7.97 8.26
N ARG B 458 2.73 -7.04 7.75
CA ARG B 458 3.27 -5.81 7.19
C ARG B 458 3.52 -4.84 8.33
N GLY B 459 4.79 -4.54 8.58
CA GLY B 459 5.13 -3.65 9.68
C GLY B 459 6.45 -2.97 9.35
N CYS B 460 6.69 -1.86 10.02
CA CYS B 460 7.87 -1.07 9.69
C CYS B 460 9.15 -1.81 10.06
N SER B 461 9.17 -2.42 11.24
CA SER B 461 10.24 -3.32 11.61
C SER B 461 10.02 -4.68 10.93
N GLN B 462 11.07 -5.24 10.35
CA GLN B 462 10.97 -6.53 9.69
C GLN B 462 12.05 -7.48 10.21
N PRO B 463 11.74 -8.76 10.35
CA PRO B 463 12.72 -9.71 10.89
C PRO B 463 13.92 -9.85 9.96
N GLU B 464 14.98 -10.45 10.51
CA GLU B 464 16.21 -10.62 9.76
C GLU B 464 16.00 -11.54 8.57
N ARG B 465 15.17 -12.56 8.75
CA ARG B 465 14.93 -13.56 7.70
C ARG B 465 14.57 -12.89 6.39
N VAL B 466 13.64 -11.93 6.43
CA VAL B 466 13.23 -11.20 5.23
C VAL B 466 14.43 -10.63 4.49
N LYS B 467 15.44 -10.18 5.24
CA LYS B 467 16.61 -9.60 4.59
C LYS B 467 17.41 -10.65 3.82
N PHE B 468 17.64 -11.81 4.43
CA PHE B 468 18.32 -12.90 3.71
C PHE B 468 17.54 -13.33 2.48
N THR B 469 16.24 -13.61 2.63
CA THR B 469 15.50 -14.13 1.49
C THR B 469 15.41 -13.10 0.38
N LEU B 470 15.22 -11.84 0.73
CA LEU B 470 14.96 -10.84 -0.28
C LEU B 470 16.26 -10.32 -0.89
N LYS B 471 17.36 -10.38 -0.16
CA LYS B 471 18.68 -10.12 -0.72
C LYS B 471 19.03 -11.18 -1.76
N MET B 472 19.00 -12.46 -1.35
CA MET B 472 19.34 -13.54 -2.28
C MET B 472 18.41 -13.51 -3.48
N LEU B 473 17.12 -13.21 -3.24
CA LEU B 473 16.14 -13.18 -4.30
C LEU B 473 16.44 -12.06 -5.29
N VAL B 474 16.71 -10.85 -4.79
CA VAL B 474 16.89 -9.73 -5.70
C VAL B 474 18.19 -9.88 -6.50
N THR B 475 19.28 -10.30 -5.85
CA THR B 475 20.55 -10.40 -6.58
C THR B 475 20.84 -11.77 -7.20
N MET B 476 20.91 -12.80 -6.37
CA MET B 476 21.50 -14.05 -6.84
C MET B 476 20.58 -14.77 -7.81
N ALA B 477 19.28 -14.75 -7.54
CA ALA B 477 18.36 -15.39 -8.47
C ALA B 477 18.37 -14.74 -9.85
N PRO B 478 18.39 -13.42 -10.01
CA PRO B 478 18.54 -12.90 -11.36
C PRO B 478 19.91 -13.12 -11.94
N ILE B 479 20.95 -13.22 -11.10
CA ILE B 479 22.26 -13.52 -11.66
C ILE B 479 22.25 -14.88 -12.32
N VAL B 480 21.71 -15.89 -11.62
CA VAL B 480 21.73 -17.22 -12.21
C VAL B 480 20.71 -17.30 -13.34
N LEU B 481 19.60 -16.58 -13.24
CA LEU B 481 18.59 -16.68 -14.28
C LEU B 481 19.09 -16.09 -15.59
N ILE B 482 19.69 -14.89 -15.52
CA ILE B 482 20.24 -14.30 -16.74
C ILE B 482 21.41 -15.13 -17.25
N LEU B 483 22.19 -15.76 -16.37
CA LEU B 483 23.27 -16.61 -16.85
C LEU B 483 22.73 -17.75 -17.69
N LEU B 484 21.78 -18.52 -17.16
CA LEU B 484 21.19 -19.61 -17.93
C LEU B 484 20.53 -19.11 -19.21
N GLY B 485 19.76 -18.02 -19.13
CA GLY B 485 19.13 -17.50 -20.32
C GLY B 485 20.13 -17.12 -21.41
N LEU B 486 21.20 -16.44 -21.02
CA LEU B 486 22.20 -16.02 -21.99
C LEU B 486 22.90 -17.21 -22.60
N LEU B 487 23.22 -18.21 -21.78
CA LEU B 487 23.83 -19.42 -22.31
C LEU B 487 22.93 -20.10 -23.32
N LEU B 488 21.65 -20.25 -22.99
CA LEU B 488 20.69 -20.86 -23.91
C LEU B 488 20.30 -19.95 -25.07
N PHE B 489 20.78 -18.71 -25.08
CA PHE B 489 20.34 -17.74 -26.08
C PHE B 489 21.14 -17.83 -27.39
N LYS B 490 21.74 -18.96 -27.72
CA LYS B 490 22.47 -19.00 -28.98
C LYS B 490 21.47 -19.36 -30.09
N LEU B 491 20.85 -18.30 -30.59
CA LEU B 491 19.79 -18.32 -31.59
C LEU B 491 20.37 -18.54 -32.99
N TYR B 492 19.55 -19.10 -33.88
CA TYR B 492 20.04 -19.42 -35.22
C TYR B 492 20.47 -18.25 -36.08
N PRO B 493 19.68 -17.20 -36.31
CA PRO B 493 20.15 -16.13 -37.20
C PRO B 493 21.17 -15.17 -36.60
N ILE B 494 22.28 -15.00 -37.33
CA ILE B 494 23.38 -14.11 -37.00
C ILE B 494 23.52 -13.14 -38.16
N ASP B 495 24.58 -12.35 -38.18
CA ASP B 495 24.76 -11.37 -39.27
C ASP B 495 24.82 -12.04 -40.62
N GLU B 496 25.53 -13.18 -40.71
CA GLU B 496 25.58 -13.93 -41.95
C GLU B 496 24.21 -14.39 -42.38
N GLU B 497 23.43 -14.89 -41.42
CA GLU B 497 22.09 -15.37 -41.72
C GLU B 497 21.21 -14.23 -42.20
N ARG B 498 21.30 -13.05 -41.56
CA ARG B 498 20.43 -11.95 -41.97
C ARG B 498 20.74 -11.50 -43.38
N ARG B 499 22.02 -11.39 -43.73
CA ARG B 499 22.38 -11.00 -45.10
C ARG B 499 21.93 -12.05 -46.10
N ARG B 500 22.03 -13.33 -45.72
CA ARG B 500 21.57 -14.39 -46.61
C ARG B 500 20.07 -14.29 -46.82
N GLN B 501 19.31 -14.02 -45.75
CA GLN B 501 17.87 -13.85 -45.92
C GLN B 501 17.57 -12.61 -46.75
N ASN B 502 18.41 -11.59 -46.60
CA ASN B 502 18.23 -10.32 -47.30
C ASN B 502 18.26 -10.56 -48.80
N LYS B 503 19.17 -11.42 -49.23
CA LYS B 503 19.29 -11.72 -50.66
C LYS B 503 17.98 -12.25 -51.22
N LYS B 504 17.41 -13.27 -50.58
CA LYS B 504 16.16 -13.84 -51.06
C LYS B 504 15.01 -12.84 -50.96
N ALA B 505 15.02 -12.02 -49.91
CA ALA B 505 14.00 -10.99 -49.78
C ALA B 505 14.02 -10.05 -50.97
N LEU B 506 15.19 -9.55 -51.34
CA LEU B 506 15.25 -8.65 -52.49
C LEU B 506 15.04 -9.40 -53.80
N GLN B 507 15.19 -10.73 -53.82
CA GLN B 507 14.98 -11.44 -55.07
C GLN B 507 13.51 -11.76 -55.31
N ALA B 508 12.70 -11.81 -54.25
CA ALA B 508 11.30 -12.17 -54.40
C ALA B 508 10.58 -11.23 -55.36
N LEU B 509 10.47 -9.95 -55.00
CA LEU B 509 9.85 -8.95 -55.87
C LEU B 509 10.29 -7.53 -55.47
C1 NAG C . -21.49 7.98 32.02
C2 NAG C . -22.30 9.22 32.43
C3 NAG C . -22.44 10.18 31.26
C4 NAG C . -21.09 10.48 30.64
C5 NAG C . -20.38 9.17 30.30
C6 NAG C . -18.99 9.37 29.77
C7 NAG C . -23.82 8.38 34.18
C8 NAG C . -25.23 8.05 34.51
N2 NAG C . -23.60 8.83 32.94
O3 NAG C . -23.06 11.37 31.70
O4 NAG C . -21.27 11.21 29.43
O5 NAG C . -20.26 8.38 31.49
O6 NAG C . -18.09 9.68 30.83
O7 NAG C . -22.91 8.27 34.99
C1 NAG C . -21.00 12.60 29.57
C2 NAG C . -19.87 12.97 28.57
C3 NAG C . -19.78 14.45 28.30
C4 NAG C . -21.10 14.97 27.77
C5 NAG C . -22.12 14.82 28.88
C6 NAG C . -23.51 15.22 28.44
C7 NAG C . -17.59 12.14 28.24
C8 NAG C . -16.34 11.65 28.89
N2 NAG C . -18.59 12.47 29.05
O3 NAG C . -18.77 14.71 27.34
O4 NAG C . -20.98 16.34 27.42
O5 NAG C . -22.20 13.47 29.34
O6 NAG C . -23.77 16.57 28.80
O7 NAG C . -17.69 12.23 27.02
C1 BMA C . -24.02 17.38 27.63
C2 BMA C . -24.19 18.80 28.16
C3 BMA C . -24.25 19.83 27.07
C4 BMA C . -23.20 19.61 25.99
C5 BMA C . -23.09 18.15 25.56
C6 BMA C . -21.87 17.96 24.68
O2 BMA C . -23.05 19.14 28.91
O3 BMA C . -24.00 21.10 27.63
O4 BMA C . -23.54 20.38 24.85
O5 BMA C . -22.96 17.30 26.70
O6 BMA C . -21.71 19.17 23.93
C1 MAN C . -25.25 21.80 27.83
C2 MAN C . -24.90 23.29 27.72
C3 MAN C . -24.08 23.71 28.93
C4 MAN C . -24.83 23.39 30.22
C5 MAN C . -25.15 21.89 30.29
C6 MAN C . -26.06 21.55 31.44
O2 MAN C . -26.08 24.10 27.76
O3 MAN C . -23.78 25.11 28.89
O4 MAN C . -24.03 23.75 31.33
O5 MAN C . -25.82 21.43 29.07
O6 MAN C . -26.10 20.13 31.57
C1 MAN C . -20.32 19.37 23.63
C2 MAN C . -20.01 20.84 23.82
C3 MAN C . -20.92 21.66 22.93
C4 MAN C . -20.86 21.19 21.47
C5 MAN C . -20.93 19.64 21.34
C6 MAN C . -20.44 19.16 19.99
O2 MAN C . -18.68 21.16 23.38
O3 MAN C . -20.59 23.04 23.00
O4 MAN C . -21.95 21.76 20.76
O5 MAN C . -20.10 19.00 22.31
O6 MAN C . -19.44 18.19 20.23
C1 NAG D . -10.54 -4.63 29.49
C2 NAG D . -9.96 -5.48 28.39
C3 NAG D . -10.61 -5.15 27.07
C4 NAG D . -12.13 -5.26 27.16
C5 NAG D . -12.69 -4.61 28.42
C6 NAG D . -14.12 -5.03 28.72
C7 NAG D . -7.64 -6.03 29.00
C8 NAG D . -6.20 -5.69 28.79
N2 NAG D . -8.52 -5.29 28.31
O3 NAG D . -10.12 -6.05 26.08
O4 NAG D . -12.70 -4.61 26.03
O5 NAG D . -11.93 -4.90 29.59
O6 NAG D . -14.27 -5.35 30.09
O7 NAG D . -8.00 -6.90 29.77
C1 NAG D . -13.25 -5.58 25.12
C2 NAG D . -14.46 -4.91 24.52
C3 NAG D . -15.13 -5.83 23.49
C4 NAG D . -14.12 -6.37 22.49
C5 NAG D . -12.85 -6.88 23.18
C6 NAG D . -11.74 -7.19 22.21
C7 NAG D . -15.57 -3.28 25.98
C8 NAG D . -14.73 -2.24 25.30
N2 NAG D . -15.41 -4.53 25.56
O3 NAG D . -16.14 -5.11 22.82
O4 NAG D . -14.70 -7.45 21.78
O5 NAG D . -12.34 -5.91 24.10
O6 NAG D . -12.07 -8.31 21.40
O7 NAG D . -16.37 -2.99 26.86
C1 BMA D . -14.94 -7.09 20.40
C2 BMA D . -15.53 -8.32 19.73
C3 BMA D . -15.81 -8.05 18.27
C4 BMA D . -16.54 -6.73 18.04
C5 BMA D . -16.08 -5.59 19.00
C6 BMA D . -17.08 -4.44 19.06
O2 BMA D . -16.79 -8.62 20.30
O3 BMA D . -16.62 -9.08 17.76
O4 BMA D . -16.28 -6.32 16.73
O5 BMA D . -15.87 -6.06 20.33
O6 BMA D . -18.09 -4.64 18.07
C1 MAN D . -15.97 -9.68 16.62
C2 MAN D . -17.04 -10.47 15.86
C3 MAN D . -17.57 -11.58 16.74
C4 MAN D . -16.42 -12.50 17.21
C5 MAN D . -15.28 -11.69 17.85
C6 MAN D . -14.03 -12.52 18.00
O2 MAN D . -16.50 -11.11 14.69
O3 MAN D . -18.55 -12.36 16.06
O4 MAN D . -16.91 -13.42 18.16
O5 MAN D . -14.92 -10.52 17.04
O6 MAN D . -12.90 -11.68 17.78
C1 MAN D . -16.42 -10.13 13.63
C2 MAN D . -17.27 -10.65 12.41
C3 MAN D . -16.47 -11.48 11.39
C4 MAN D . -15.02 -11.02 11.23
C5 MAN D . -14.35 -10.87 12.58
C6 MAN D . -12.92 -10.39 12.44
O2 MAN D . -17.82 -9.57 11.66
O3 MAN D . -17.12 -11.46 10.13
O4 MAN D . -14.30 -11.97 10.48
O5 MAN D . -15.04 -9.87 13.31
O6 MAN D . -12.63 -9.58 13.57
C1 MAN D . -18.98 -3.50 18.06
C2 MAN D . -19.99 -3.68 19.18
C3 MAN D . -20.64 -5.03 19.04
C4 MAN D . -21.22 -5.23 17.62
C5 MAN D . -20.32 -4.66 16.48
C6 MAN D . -21.12 -4.34 15.26
O2 MAN D . -21.07 -2.76 19.02
O3 MAN D . -21.66 -5.21 20.01
O4 MAN D . -21.40 -6.61 17.40
O5 MAN D . -19.63 -3.45 16.85
O6 MAN D . -20.49 -3.25 14.60
C1 MAN D . -21.41 -2.83 13.56
C2 MAN D . -20.67 -1.85 12.61
C3 MAN D . -21.58 -0.73 12.18
C4 MAN D . -23.00 -1.26 11.96
C5 MAN D . -23.57 -1.82 13.27
C6 MAN D . -24.38 -3.06 13.07
O2 MAN D . -20.31 -2.50 11.40
O3 MAN D . -21.13 -0.13 10.98
O4 MAN D . -23.82 -0.21 11.49
O5 MAN D . -22.52 -2.20 14.16
O6 MAN D . -24.40 -3.77 14.30
C1 NAG E . -17.94 8.39 57.30
C2 NAG E . -17.67 7.76 58.66
C3 NAG E . -17.13 8.79 59.66
C4 NAG E . -17.97 10.07 59.67
C5 NAG E . -18.33 10.51 58.26
C6 NAG E . -18.03 11.96 57.99
C7 NAG E . -19.00 5.79 59.28
C8 NAG E . -20.30 5.30 59.84
N2 NAG E . -18.87 7.11 59.18
O3 NAG E . -15.80 9.11 59.29
O4 NAG E . -19.15 9.90 60.43
O5 NAG E . -17.56 9.74 57.32
O6 NAG E . -18.52 12.80 59.04
O7 NAG E . -18.12 5.02 58.93
C1 NAG F . -7.86 -14.75 30.19
C2 NAG F . -8.56 -15.97 29.60
C3 NAG F . -7.57 -17.11 29.46
C4 NAG F . -6.45 -16.70 28.53
C5 NAG F . -5.76 -15.45 29.07
C6 NAG F . -4.77 -14.86 28.09
C7 NAG F . -10.90 -16.69 29.90
C8 NAG F . -11.01 -16.64 28.40
N2 NAG F . -9.70 -16.37 30.41
O3 NAG F . -8.24 -18.26 28.92
O4 NAG F . -5.49 -17.74 28.42
O5 NAG F . -6.70 -14.40 29.37
O6 NAG F . -5.30 -14.84 26.77
O7 NAG F . -11.84 -17.03 30.60
C1 NAG G . -24.33 5.34 54.81
C2 NAG G . -25.77 4.91 54.73
C3 NAG G . -26.12 4.18 56.00
C4 NAG G . -25.20 2.97 56.16
C5 NAG G . -23.72 3.30 55.91
C6 NAG G . -22.88 2.08 55.64
C7 NAG G . -26.91 6.56 53.33
C8 NAG G . -27.83 7.74 53.32
N2 NAG G . -26.65 6.05 54.54
O3 NAG G . -27.48 3.77 55.97
O4 NAG G . -25.36 2.45 57.47
O5 NAG G . -23.51 4.21 54.81
O6 NAG G . -21.77 2.40 54.81
O7 NAG G . -26.43 6.09 52.31
C1 NAG H . -8.25 33.46 50.80
C2 NAG H . -7.59 33.78 52.15
C3 NAG H . -8.02 35.14 52.64
C4 NAG H . -7.63 36.19 51.61
C5 NAG H . -8.37 35.87 50.33
C6 NAG H . -7.99 36.81 49.22
C7 NAG H . -7.21 31.64 53.33
C8 NAG H . -7.69 30.75 54.42
N2 NAG H . -7.89 32.78 53.16
O3 NAG H . -7.40 35.44 53.89
O4 NAG H . -8.02 37.48 52.06
O5 NAG H . -8.03 34.55 49.87
O6 NAG H . -6.72 37.38 49.45
O7 NAG H . -6.26 31.35 52.61
C1 NAG I . -12.37 27.05 56.87
C2 NAG I . -11.81 26.29 58.05
C3 NAG I . -12.03 27.08 59.32
C4 NAG I . -11.40 28.46 59.19
C5 NAG I . -11.83 29.16 57.90
C6 NAG I . -11.04 30.42 57.59
C7 NAG I . -11.93 23.90 57.53
C8 NAG I . -12.67 22.62 57.77
N2 NAG I . -12.41 24.98 58.16
O3 NAG I . -11.43 26.40 60.40
O4 NAG I . -11.79 29.24 60.32
O5 NAG I . -11.70 28.31 56.75
O6 NAG I . -10.89 30.63 56.20
O7 NAG I . -10.95 23.96 56.80
#